data_8WG7
#
_entry.id   8WG7
#
_cell.length_a   1.00
_cell.length_b   1.00
_cell.length_c   1.00
_cell.angle_alpha   90.00
_cell.angle_beta   90.00
_cell.angle_gamma   90.00
#
_symmetry.space_group_name_H-M   'P 1'
#
loop_
_entity.id
_entity.type
_entity.pdbx_description
1 polymer 'Guanine nucleotide-binding protein G(s) subunit alpha isoforms short'
2 polymer 'Guanine nucleotide-binding protein G(I)/G(S)/G(T) subunit beta-1'
3 polymer 'Guanine nucleotide-binding protein G(I)/G(S)/G(O) subunit gamma-2'
4 polymer Nanobody-35
5 polymer 'Glucagon-like peptide 1 receptor'
#
loop_
_entity_poly.entity_id
_entity_poly.type
_entity_poly.pdbx_seq_one_letter_code
_entity_poly.pdbx_strand_id
1 'polypeptide(L)'
;MGCLGNSKTEDQRNEEKAQREANKKIEKQLQKDKQVYRATHRLLLLGAGESGKNTIVKQMRILHVNGFNGEGGEEDPQAA
RSNSDGEKATKVQDIKNNLKEAIETIVAAMSNLVPPVELANPENQFRVDYILSVMNVPDFDFPPEFYEHAKALWEDEGVR
ACYERSNEYQLIDCAQYFLDKIDVIKQADYVPSDQDLLRCRVLTSGIFETKFQVDKVNFHMFDVGAQRDERRKWIQCFND
VTAIIFVVASSSYNMVIREDNQTNRLQAALKLFDSIWNNKWLRDTSVILFLNKQDLLAEKVLAGKSKIEDYFPEFARYTT
PEDATPEPGEDPRVTRAKYFIRDEFLRISTASGDGRHYCYPHFTCAVDTENIRRVFNDCRDIIQRMHLRQYELL
;
A
2 'polypeptide(L)'
;MGSLLQSELDQLRQEAEQLKNQIRDARKACADATLSQITNNIDPVGRIQMRTRRTLRGHLAKIYAMHWGTDSRLLVSASQ
DGKLIIWDSYTTNKVHAIPLRSSWVMTCAYAPSGNYVACGGLDNICSIYNLKTREGNVRVSRELAGHTGYLSCCRFLDDN
QIVTSSGDTTCALWDIETGQQTTTFTGHTGDVMSLSLAPDTRLFVSGACDASAKLWDVREGMCRQTFTGHESDINAICFF
PNGNAFATGSDDATCRLFDLRADQELMTYSHDNIICGITSVSFSKSGRLLLAGYDDFNCNVWDALKADRAGVLAGHDNRV
SCLGVTDDGMAVATGSWDSFLKIWNGSSGGGGSGGGGSSGVSGWRLFKKIS
;
B
3 'polypeptide(L)' MASNNTASIAQARKLVEQLKMEANIDRIKVSKAAADLMAYCEAHAKEDPLLTPVPASENPFREKKFFCAIL G
4 'polypeptide(L)'
;QVQLQESGGGLVQPGGSLRLSCAASGFTFSNYKMNWVRQAPGKGLEWVSDISQSGASISYTGSVKGRFTISRDNAKNTLY
LQMNSLKPEDTAVYYCARCPAPFTRDCFDVTSTTYAYRGQGTQVTVSS
;
N
5 'polypeptide(L)'
;RPQGATVSLWETVQKWREYRRQCQRSLTEDPPPATDLFCNRTFDEYACWPDGEPGSFVNVSCPWYLPWASSVPQGHVYRF
CTAEGLWLQKDNSSLPWRDLSECEESKRGERSSPEEQLLFLYIIYTVGYALSFSALVIASAILLGFRHLHCTRNYIHLNL
FASFILRALSVFIKDAALKWMYSTAAQQHQWDGLLSYQDSLSCRLVFLLMQYCVAANYYWLLVEGVYLYTLLAFSVLSEQ
WIFRLYVSIGWGVPLLFVVPWGIVKYLYEDEGCWTRNSNMNYWLIIRLPILFAIGVNFLIFVRVICIVVSKLKANLMCKT
DIKCRLAKSTLTLIPLLGTHEVIFAFVMDEHARGTLRFIKLFTELSFTSFQGLMVAILYCFVNNEVQLEFRKSWERWRLE
HLHIQRDSSMKPLKCPTSSLSSGATAGSSMYTATCQASCS
;
R
#
# COMPACT_ATOMS: atom_id res chain seq x y z
N GLN A 12 -37.66 4.49 20.51
CA GLN A 12 -38.06 3.11 20.71
C GLN A 12 -36.88 2.27 21.19
N ARG A 13 -36.17 2.78 22.19
CA ARG A 13 -34.98 2.10 22.70
C ARG A 13 -35.35 0.87 23.51
N ASN A 14 -35.35 -0.29 22.84
CA ASN A 14 -35.60 -1.57 23.50
C ASN A 14 -34.39 -2.48 23.35
N GLU A 15 -33.88 -2.61 22.12
CA GLU A 15 -32.74 -3.48 21.88
C GLU A 15 -31.56 -2.73 21.28
N GLU A 16 -31.82 -1.69 20.47
CA GLU A 16 -30.71 -0.96 19.88
C GLU A 16 -29.81 -0.36 20.96
N LYS A 17 -30.35 -0.15 22.17
CA LYS A 17 -29.50 0.16 23.30
C LYS A 17 -28.49 -0.95 23.56
N ALA A 18 -28.93 -2.21 23.50
CA ALA A 18 -28.02 -3.32 23.70
C ALA A 18 -26.98 -3.40 22.59
N GLN A 19 -27.38 -3.20 21.34
CA GLN A 19 -26.38 -3.22 20.28
C GLN A 19 -25.42 -2.02 20.36
N ARG A 20 -25.88 -0.87 20.85
CA ARG A 20 -24.93 0.22 21.07
C ARG A 20 -23.97 -0.07 22.21
N GLU A 21 -24.44 -0.74 23.26
CA GLU A 21 -23.51 -1.16 24.32
C GLU A 21 -22.48 -2.15 23.78
N ALA A 22 -22.91 -3.10 22.95
CA ALA A 22 -21.98 -4.01 22.32
C ALA A 22 -20.99 -3.27 21.43
N ASN A 23 -21.49 -2.29 20.67
CA ASN A 23 -20.61 -1.47 19.85
C ASN A 23 -19.57 -0.74 20.69
N LYS A 24 -19.98 -0.15 21.82
CA LYS A 24 -19.03 0.58 22.64
C LYS A 24 -17.98 -0.35 23.25
N LYS A 25 -18.39 -1.53 23.70
CA LYS A 25 -17.39 -2.49 24.17
C LYS A 25 -16.43 -2.90 23.08
N ILE A 26 -16.94 -3.13 21.86
CA ILE A 26 -16.09 -3.51 20.75
C ILE A 26 -15.12 -2.38 20.40
N GLU A 27 -15.59 -1.13 20.42
CA GLU A 27 -14.71 0.00 20.18
C GLU A 27 -13.64 0.14 21.26
N LYS A 28 -13.98 -0.07 22.52
CA LYS A 28 -12.96 -0.05 23.56
C LYS A 28 -11.91 -1.14 23.35
N GLN A 29 -12.35 -2.35 23.02
CA GLN A 29 -11.40 -3.42 22.74
C GLN A 29 -10.53 -3.09 21.52
N LEU A 30 -11.12 -2.50 20.49
CA LEU A 30 -10.37 -2.14 19.30
C LEU A 30 -9.36 -1.04 19.59
N GLN A 31 -9.72 -0.09 20.44
CA GLN A 31 -8.76 0.94 20.85
C GLN A 31 -7.60 0.33 21.61
N LYS A 32 -7.90 -0.59 22.53
CA LYS A 32 -6.82 -1.28 23.25
C LYS A 32 -5.92 -2.05 22.29
N ASP A 33 -6.51 -2.70 21.28
CA ASP A 33 -5.72 -3.43 20.31
C ASP A 33 -4.88 -2.50 19.45
N LYS A 34 -5.42 -1.35 19.07
CA LYS A 34 -4.68 -0.39 18.26
C LYS A 34 -3.52 0.21 19.04
N GLN A 35 -3.68 0.38 20.35
CA GLN A 35 -2.57 0.88 21.16
C GLN A 35 -1.36 -0.03 21.11
N VAL A 36 -1.55 -1.31 20.75
CA VAL A 36 -0.47 -2.28 20.72
C VAL A 36 -0.02 -2.52 19.28
N TYR A 37 -0.97 -2.49 18.34
CA TYR A 37 -0.67 -2.84 16.96
C TYR A 37 0.38 -1.91 16.36
N ARG A 38 0.22 -0.61 16.56
CA ARG A 38 1.16 0.36 16.00
C ARG A 38 2.26 0.74 16.97
N ALA A 39 2.32 0.12 18.14
CA ALA A 39 3.45 0.26 19.04
C ALA A 39 4.55 -0.75 18.75
N THR A 40 4.35 -1.62 17.77
CA THR A 40 5.34 -2.63 17.39
C THR A 40 5.64 -2.51 15.91
N HIS A 41 6.85 -2.92 15.54
CA HIS A 41 7.31 -2.85 14.16
C HIS A 41 7.30 -4.23 13.54
N ARG A 42 6.68 -4.35 12.38
CA ARG A 42 6.62 -5.60 11.63
C ARG A 42 7.71 -5.62 10.58
N LEU A 43 8.46 -6.72 10.51
CA LEU A 43 9.57 -6.87 9.58
C LEU A 43 9.32 -8.06 8.69
N LEU A 44 9.62 -7.92 7.39
CA LEU A 44 9.50 -9.01 6.44
C LEU A 44 10.90 -9.54 6.14
N LEU A 45 11.19 -10.75 6.56
CA LEU A 45 12.49 -11.37 6.31
C LEU A 45 12.45 -12.09 4.97
N LEU A 46 13.39 -11.77 4.09
CA LEU A 46 13.45 -12.35 2.76
C LEU A 46 14.85 -12.86 2.48
N GLY A 47 14.92 -13.93 1.70
CA GLY A 47 16.19 -14.55 1.39
C GLY A 47 15.98 -15.70 0.43
N ALA A 48 16.94 -16.61 0.43
CA ALA A 48 16.86 -17.80 -0.42
C ALA A 48 17.55 -18.94 0.30
N GLY A 49 17.71 -20.06 -0.42
CA GLY A 49 18.47 -21.16 0.13
C GLY A 49 19.93 -20.80 0.32
N GLU A 50 20.59 -21.55 1.20
CA GLU A 50 21.98 -21.34 1.60
C GLU A 50 22.31 -19.87 1.81
N SER A 51 21.35 -19.10 2.34
CA SER A 51 21.58 -17.70 2.65
C SER A 51 21.75 -17.43 4.14
N GLY A 52 21.46 -18.41 4.99
CA GLY A 52 21.67 -18.25 6.42
C GLY A 52 20.59 -17.47 7.14
N LYS A 53 19.44 -17.22 6.51
CA LYS A 53 18.39 -16.48 7.20
C LYS A 53 17.81 -17.28 8.36
N ASN A 54 17.81 -18.60 8.27
CA ASN A 54 17.35 -19.42 9.39
C ASN A 54 18.29 -19.30 10.59
N THR A 55 19.60 -19.23 10.33
CA THR A 55 20.55 -19.01 11.41
C THR A 55 20.32 -17.67 12.08
N ILE A 56 20.04 -16.62 11.29
CA ILE A 56 19.73 -15.32 11.87
C ILE A 56 18.44 -15.39 12.68
N VAL A 57 17.46 -16.16 12.19
CA VAL A 57 16.19 -16.30 12.90
C VAL A 57 16.41 -16.95 14.26
N LYS A 58 17.16 -18.05 14.30
CA LYS A 58 17.41 -18.72 15.58
C LYS A 58 18.29 -17.85 16.47
N GLN A 59 19.17 -17.05 15.87
CA GLN A 59 19.98 -16.10 16.63
C GLN A 59 19.11 -15.10 17.38
N MET A 60 18.20 -14.45 16.66
CA MET A 60 17.35 -13.47 17.32
C MET A 60 16.19 -14.09 18.09
N ARG A 61 15.98 -15.40 17.96
CA ARG A 61 14.95 -16.08 18.74
C ARG A 61 15.48 -16.57 20.08
N ILE A 62 16.69 -17.12 20.10
CA ILE A 62 17.27 -17.59 21.36
C ILE A 62 17.52 -16.43 22.31
N LEU A 63 18.09 -15.34 21.80
CA LEU A 63 18.44 -14.19 22.62
C LEU A 63 17.34 -13.13 22.66
N HIS A 64 16.26 -13.31 21.90
CA HIS A 64 15.17 -12.33 21.82
C HIS A 64 15.70 -10.94 21.48
N ILE A 207 3.66 -19.60 6.91
CA ILE A 207 4.43 -18.44 7.38
C ILE A 207 4.85 -18.64 8.83
N PHE A 208 6.03 -18.12 9.18
CA PHE A 208 6.58 -18.25 10.52
C PHE A 208 6.73 -16.87 11.14
N GLU A 209 6.47 -16.79 12.44
CA GLU A 209 6.47 -15.54 13.17
C GLU A 209 7.52 -15.60 14.27
N THR A 210 8.33 -14.54 14.37
CA THR A 210 9.35 -14.43 15.41
C THR A 210 9.22 -13.08 16.09
N LYS A 211 8.92 -13.10 17.38
CA LYS A 211 8.78 -11.86 18.16
C LYS A 211 10.04 -11.68 19.00
N PHE A 212 10.69 -10.53 18.85
CA PHE A 212 11.82 -10.18 19.70
C PHE A 212 11.68 -8.75 20.17
N GLN A 213 12.49 -8.37 21.14
CA GLN A 213 12.38 -7.06 21.76
C GLN A 213 13.76 -6.51 22.05
N VAL A 214 14.00 -5.27 21.63
CA VAL A 214 15.26 -4.58 21.89
C VAL A 214 14.95 -3.16 22.34
N ASP A 215 15.58 -2.73 23.44
CA ASP A 215 15.38 -1.40 24.00
C ASP A 215 13.90 -1.13 24.25
N LYS A 216 13.20 -2.12 24.79
CA LYS A 216 11.77 -2.04 25.11
C LYS A 216 10.92 -1.79 23.87
N VAL A 217 11.44 -2.10 22.68
CA VAL A 217 10.71 -1.97 21.43
C VAL A 217 10.49 -3.37 20.87
N ASN A 218 9.25 -3.65 20.48
CA ASN A 218 8.86 -4.98 20.03
C ASN A 218 8.91 -5.05 18.51
N PHE A 219 9.54 -6.09 17.99
CA PHE A 219 9.65 -6.34 16.56
C PHE A 219 9.06 -7.70 16.24
N HIS A 220 8.22 -7.74 15.21
CA HIS A 220 7.65 -8.98 14.67
C HIS A 220 8.30 -9.22 13.31
N MET A 221 8.89 -10.39 13.14
CA MET A 221 9.55 -10.77 11.90
C MET A 221 8.81 -11.94 11.28
N PHE A 222 8.42 -11.80 10.02
CA PHE A 222 7.66 -12.81 9.29
C PHE A 222 8.58 -13.47 8.26
N ASP A 223 8.83 -14.76 8.45
CA ASP A 223 9.63 -15.54 7.53
C ASP A 223 8.68 -16.42 6.72
N VAL A 224 8.54 -16.12 5.44
CA VAL A 224 7.63 -16.88 4.59
C VAL A 224 8.15 -18.30 4.44
N GLY A 225 7.26 -19.27 4.64
CA GLY A 225 7.65 -20.67 4.53
C GLY A 225 6.46 -21.50 4.08
N ALA A 226 6.78 -22.69 3.57
CA ALA A 226 5.78 -23.62 3.03
C ALA A 226 4.93 -22.94 1.94
N GLN A 227 5.60 -22.16 1.08
CA GLN A 227 4.94 -21.50 -0.03
C GLN A 227 5.70 -21.83 -1.32
N ARG A 228 5.03 -21.60 -2.45
CA ARG A 228 5.65 -21.83 -3.74
C ARG A 228 6.71 -20.75 -4.01
N ASP A 229 7.30 -20.81 -5.19
CA ASP A 229 8.35 -19.87 -5.58
C ASP A 229 7.84 -18.69 -6.39
N GLU A 230 6.52 -18.57 -6.58
CA GLU A 230 5.94 -17.47 -7.35
C GLU A 230 5.41 -16.44 -6.37
N ARG A 231 6.27 -15.53 -5.95
CA ARG A 231 5.97 -14.56 -4.90
C ARG A 231 5.33 -13.29 -5.42
N ARG A 232 4.91 -13.28 -6.68
CA ARG A 232 4.30 -12.09 -7.28
C ARG A 232 2.94 -11.74 -6.70
N LYS A 233 2.35 -12.62 -5.89
CA LYS A 233 1.01 -12.38 -5.36
C LYS A 233 0.98 -12.12 -3.86
N TRP A 234 1.62 -12.96 -3.03
CA TRP A 234 1.53 -12.70 -1.60
C TRP A 234 2.43 -11.57 -1.14
N ILE A 235 3.39 -11.16 -1.96
CA ILE A 235 4.29 -10.07 -1.56
C ILE A 235 3.50 -8.78 -1.37
N GLN A 236 2.38 -8.64 -2.10
CA GLN A 236 1.52 -7.47 -1.93
C GLN A 236 0.96 -7.38 -0.51
N CYS A 237 0.92 -8.50 0.21
CA CYS A 237 0.47 -8.48 1.60
C CYS A 237 1.44 -7.75 2.51
N PHE A 238 2.66 -7.46 2.05
CA PHE A 238 3.66 -6.79 2.87
C PHE A 238 3.93 -5.37 2.39
N ASN A 239 2.89 -4.67 1.92
CA ASN A 239 3.07 -3.30 1.48
C ASN A 239 3.19 -2.32 2.64
N ASP A 240 2.68 -2.68 3.82
CA ASP A 240 2.72 -1.81 4.98
C ASP A 240 3.80 -2.21 5.98
N VAL A 241 4.68 -3.15 5.61
CA VAL A 241 5.76 -3.55 6.50
C VAL A 241 6.72 -2.38 6.71
N THR A 242 7.27 -2.26 7.91
CA THR A 242 8.16 -1.15 8.19
C THR A 242 9.56 -1.37 7.63
N ALA A 243 9.93 -2.61 7.32
CA ALA A 243 11.25 -2.89 6.79
C ALA A 243 11.27 -4.30 6.20
N ILE A 244 12.01 -4.45 5.11
CA ILE A 244 12.26 -5.75 4.49
C ILE A 244 13.72 -6.08 4.72
N ILE A 245 13.98 -7.11 5.52
CA ILE A 245 15.34 -7.56 5.82
C ILE A 245 15.71 -8.58 4.74
N PHE A 246 16.49 -8.13 3.76
CA PHE A 246 16.92 -8.98 2.65
C PHE A 246 18.30 -9.54 2.97
N VAL A 247 18.39 -10.86 3.11
CA VAL A 247 19.63 -11.54 3.48
C VAL A 247 20.17 -12.25 2.24
N VAL A 248 21.44 -12.03 1.94
CA VAL A 248 22.09 -12.62 0.78
C VAL A 248 23.44 -13.20 1.18
N ALA A 249 23.73 -14.41 0.71
CA ALA A 249 25.03 -15.04 0.95
C ALA A 249 26.04 -14.44 -0.01
N SER A 250 26.99 -13.67 0.53
CA SER A 250 27.96 -12.97 -0.30
C SER A 250 29.08 -13.87 -0.82
N SER A 251 29.18 -15.11 -0.33
CA SER A 251 30.23 -16.02 -0.75
C SER A 251 29.74 -17.04 -1.77
N SER A 252 28.54 -16.86 -2.32
CA SER A 252 27.94 -17.84 -3.23
C SER A 252 28.07 -17.45 -4.69
N TYR A 253 29.18 -16.82 -5.07
CA TYR A 253 29.42 -16.51 -6.48
C TYR A 253 30.12 -17.67 -7.17
N THR A 263 28.67 -21.77 -9.77
CA THR A 263 27.79 -21.31 -8.70
C THR A 263 27.08 -20.03 -9.11
N ASN A 264 27.79 -18.91 -8.96
CA ASN A 264 27.33 -17.57 -9.34
C ASN A 264 25.86 -17.34 -8.99
N ARG A 265 25.56 -17.50 -7.70
CA ARG A 265 24.22 -17.25 -7.20
C ARG A 265 23.99 -15.79 -6.83
N LEU A 266 25.02 -14.94 -6.91
CA LEU A 266 24.84 -13.54 -6.57
C LEU A 266 24.01 -12.80 -7.61
N GLN A 267 24.08 -13.23 -8.87
CA GLN A 267 23.28 -12.56 -9.90
C GLN A 267 21.79 -12.75 -9.64
N ALA A 268 21.37 -13.95 -9.25
CA ALA A 268 19.97 -14.18 -8.92
C ALA A 268 19.55 -13.33 -7.72
N ALA A 269 20.40 -13.25 -6.71
CA ALA A 269 20.08 -12.43 -5.55
C ALA A 269 19.93 -10.96 -5.94
N LEU A 270 20.80 -10.48 -6.83
CA LEU A 270 20.69 -9.12 -7.32
C LEU A 270 19.39 -8.90 -8.08
N LYS A 271 18.98 -9.90 -8.88
CA LYS A 271 17.73 -9.77 -9.63
C LYS A 271 16.53 -9.72 -8.70
N LEU A 272 16.48 -10.59 -7.68
CA LEU A 272 15.40 -10.49 -6.71
C LEU A 272 15.43 -9.17 -5.95
N PHE A 273 16.61 -8.67 -5.61
CA PHE A 273 16.68 -7.36 -4.95
C PHE A 273 16.13 -6.26 -5.86
N ASP A 274 16.48 -6.30 -7.14
CA ASP A 274 15.96 -5.32 -8.09
C ASP A 274 14.44 -5.42 -8.21
N SER A 275 13.93 -6.64 -8.28
CA SER A 275 12.49 -6.84 -8.39
C SER A 275 11.76 -6.31 -7.16
N ILE A 276 12.31 -6.56 -5.97
CA ILE A 276 11.71 -6.03 -4.75
C ILE A 276 11.76 -4.51 -4.73
N TRP A 277 12.89 -3.94 -5.12
CA TRP A 277 13.06 -2.49 -5.11
C TRP A 277 12.11 -1.80 -6.08
N ASN A 278 11.85 -2.41 -7.23
CA ASN A 278 11.05 -1.78 -8.27
C ASN A 278 9.57 -2.13 -8.21
N ASN A 279 9.14 -2.91 -7.20
CA ASN A 279 7.74 -3.27 -7.10
C ASN A 279 6.91 -2.06 -6.69
N LYS A 280 5.80 -1.84 -7.39
CA LYS A 280 4.97 -0.67 -7.14
C LYS A 280 4.32 -0.70 -5.77
N TRP A 281 4.14 -1.87 -5.18
CA TRP A 281 3.55 -1.99 -3.84
C TRP A 281 4.60 -2.01 -2.74
N LEU A 282 5.89 -1.92 -3.10
CA LEU A 282 6.96 -1.89 -2.12
C LEU A 282 7.90 -0.70 -2.33
N ARG A 283 7.45 0.31 -3.07
CA ARG A 283 8.26 1.51 -3.32
C ARG A 283 8.41 2.39 -2.09
N ASP A 284 7.67 2.12 -1.02
CA ASP A 284 7.75 2.92 0.20
C ASP A 284 8.40 2.19 1.36
N THR A 285 8.69 0.89 1.23
CA THR A 285 9.24 0.10 2.31
C THR A 285 10.76 0.01 2.15
N SER A 286 11.49 0.44 3.17
CA SER A 286 12.93 0.39 3.12
C SER A 286 13.44 -1.04 3.28
N VAL A 287 14.65 -1.28 2.79
CA VAL A 287 15.26 -2.60 2.78
C VAL A 287 16.54 -2.54 3.61
N ILE A 288 16.64 -3.42 4.59
CA ILE A 288 17.86 -3.62 5.36
C ILE A 288 18.60 -4.79 4.74
N LEU A 289 19.79 -4.53 4.23
CA LEU A 289 20.55 -5.53 3.49
C LEU A 289 21.54 -6.23 4.42
N PHE A 290 21.55 -7.56 4.38
CA PHE A 290 22.41 -8.37 5.23
C PHE A 290 23.29 -9.23 4.31
N LEU A 291 24.53 -8.80 4.13
CA LEU A 291 25.52 -9.59 3.38
C LEU A 291 26.08 -10.65 4.32
N ASN A 292 25.31 -11.74 4.45
CA ASN A 292 25.63 -12.78 5.41
C ASN A 292 26.84 -13.59 4.94
N LYS A 293 27.40 -14.36 5.87
CA LYS A 293 28.48 -15.31 5.60
C LYS A 293 29.72 -14.58 5.08
N GLN A 294 30.20 -13.62 5.88
CA GLN A 294 31.40 -12.88 5.52
C GLN A 294 32.67 -13.70 5.73
N ASP A 295 32.67 -14.60 6.71
CA ASP A 295 33.83 -15.46 6.93
C ASP A 295 34.06 -16.38 5.73
N LEU A 296 32.98 -16.93 5.17
CA LEU A 296 33.12 -17.76 3.98
C LEU A 296 33.66 -16.95 2.80
N LEU A 297 33.19 -15.71 2.65
CA LEU A 297 33.72 -14.86 1.58
C LEU A 297 35.19 -14.59 1.78
N ALA A 298 35.61 -14.33 3.02
CA ALA A 298 37.02 -14.09 3.29
C ALA A 298 37.86 -15.31 2.96
N GLU A 299 37.39 -16.50 3.37
CA GLU A 299 38.13 -17.72 3.05
C GLU A 299 38.21 -17.94 1.54
N LYS A 300 37.10 -17.71 0.83
CA LYS A 300 37.09 -17.89 -0.61
C LYS A 300 38.07 -16.93 -1.30
N VAL A 301 38.10 -15.68 -0.85
CA VAL A 301 38.99 -14.70 -1.46
C VAL A 301 40.44 -15.04 -1.17
N LEU A 302 40.75 -15.42 0.07
CA LEU A 302 42.13 -15.75 0.42
C LEU A 302 42.60 -17.01 -0.29
N ALA A 303 41.72 -17.98 -0.51
CA ALA A 303 42.10 -19.19 -1.23
C ALA A 303 42.51 -18.87 -2.66
N GLY A 304 41.74 -18.01 -3.32
CA GLY A 304 42.05 -17.60 -4.68
C GLY A 304 41.62 -18.57 -5.76
N LYS A 305 41.00 -19.68 -5.41
CA LYS A 305 40.56 -20.66 -6.41
C LYS A 305 39.50 -20.07 -7.32
N SER A 306 38.55 -19.33 -6.76
CA SER A 306 37.45 -18.74 -7.52
C SER A 306 37.70 -17.25 -7.70
N LYS A 307 37.51 -16.77 -8.93
CA LYS A 307 37.74 -15.37 -9.27
C LYS A 307 36.40 -14.66 -9.42
N ILE A 308 36.26 -13.51 -8.75
CA ILE A 308 35.02 -12.75 -8.82
C ILE A 308 34.81 -12.20 -10.22
N GLU A 309 35.89 -11.82 -10.91
CA GLU A 309 35.78 -11.25 -12.24
C GLU A 309 35.24 -12.24 -13.27
N ASP A 310 35.23 -13.53 -12.95
CA ASP A 310 34.67 -14.52 -13.88
C ASP A 310 33.18 -14.28 -14.09
N TYR A 311 32.45 -13.97 -13.02
CA TYR A 311 31.01 -13.70 -13.12
C TYR A 311 30.68 -12.23 -13.20
N PHE A 312 31.57 -11.36 -12.73
CA PHE A 312 31.38 -9.91 -12.80
C PHE A 312 32.63 -9.29 -13.41
N PRO A 313 32.69 -9.15 -14.73
CA PRO A 313 33.91 -8.64 -15.37
C PRO A 313 34.31 -7.26 -14.90
N GLU A 314 33.35 -6.39 -14.59
CA GLU A 314 33.68 -5.02 -14.18
C GLU A 314 34.49 -4.99 -12.88
N PHE A 315 34.48 -6.07 -12.10
CA PHE A 315 35.33 -6.14 -10.91
C PHE A 315 36.80 -6.01 -11.28
N ALA A 316 37.18 -6.33 -12.52
CA ALA A 316 38.56 -6.15 -12.94
C ALA A 316 38.96 -4.68 -12.97
N ARG A 317 38.00 -3.77 -13.01
CA ARG A 317 38.27 -2.33 -13.05
C ARG A 317 37.61 -1.62 -11.87
N TYR A 318 37.69 -2.23 -10.69
CA TYR A 318 37.08 -1.70 -9.49
C TYR A 318 38.14 -1.44 -8.43
N THR A 319 37.96 -0.36 -7.68
CA THR A 319 38.88 0.01 -6.61
C THR A 319 38.09 0.25 -5.33
N THR A 320 38.79 0.12 -4.20
CA THR A 320 38.15 0.28 -2.91
C THR A 320 37.62 1.70 -2.75
N PRO A 321 36.38 1.89 -2.31
CA PRO A 321 35.87 3.25 -2.09
C PRO A 321 36.64 3.95 -0.98
N GLU A 322 36.71 5.28 -1.10
CA GLU A 322 37.45 6.07 -0.13
C GLU A 322 36.85 5.96 1.28
N ASP A 323 35.51 5.96 1.37
CA ASP A 323 34.83 5.90 2.65
C ASP A 323 34.83 4.50 3.28
N ALA A 324 35.60 3.56 2.72
CA ALA A 324 35.66 2.23 3.29
C ALA A 324 36.32 2.26 4.66
N THR A 325 35.79 1.45 5.58
CA THR A 325 36.31 1.34 6.94
C THR A 325 36.53 -0.13 7.28
N PRO A 326 37.53 -0.77 6.67
CA PRO A 326 37.75 -2.19 6.90
C PRO A 326 38.15 -2.49 8.33
N GLU A 327 37.73 -3.67 8.79
CA GLU A 327 38.14 -4.13 10.11
C GLU A 327 39.65 -4.36 10.12
N PRO A 328 40.35 -3.92 11.16
CA PRO A 328 41.82 -4.02 11.15
C PRO A 328 42.29 -5.46 10.99
N GLY A 329 43.38 -5.61 10.24
CA GLY A 329 43.91 -6.92 9.93
C GLY A 329 43.29 -7.59 8.72
N GLU A 330 42.52 -6.86 7.92
CA GLU A 330 41.87 -7.43 6.75
C GLU A 330 42.74 -7.29 5.50
N ASP A 331 42.72 -8.33 4.68
CA ASP A 331 43.39 -8.28 3.39
C ASP A 331 42.72 -7.21 2.52
N PRO A 332 43.52 -6.42 1.78
CA PRO A 332 42.91 -5.53 0.79
C PRO A 332 42.04 -6.24 -0.23
N ARG A 333 42.36 -7.48 -0.58
CA ARG A 333 41.57 -8.21 -1.57
C ARG A 333 40.17 -8.51 -1.03
N VAL A 334 40.07 -8.97 0.22
CA VAL A 334 38.78 -9.35 0.76
C VAL A 334 37.89 -8.12 0.96
N THR A 335 38.46 -7.01 1.42
CA THR A 335 37.65 -5.81 1.55
C THR A 335 37.28 -5.23 0.18
N ARG A 336 38.15 -5.39 -0.81
CA ARG A 336 37.80 -5.02 -2.17
C ARG A 336 36.57 -5.79 -2.64
N ALA A 337 36.58 -7.11 -2.47
CA ALA A 337 35.44 -7.92 -2.90
C ALA A 337 34.18 -7.58 -2.10
N LYS A 338 34.34 -7.37 -0.79
CA LYS A 338 33.19 -7.07 0.06
C LYS A 338 32.52 -5.77 -0.37
N TYR A 339 33.29 -4.69 -0.50
CA TYR A 339 32.70 -3.44 -0.96
C TYR A 339 32.28 -3.49 -2.42
N PHE A 340 32.86 -4.37 -3.24
CA PHE A 340 32.35 -4.53 -4.60
C PHE A 340 30.95 -5.11 -4.59
N ILE A 341 30.70 -6.13 -3.77
CA ILE A 341 29.35 -6.68 -3.67
C ILE A 341 28.40 -5.63 -3.10
N ARG A 342 28.85 -4.90 -2.08
CA ARG A 342 28.00 -3.86 -1.49
C ARG A 342 27.63 -2.80 -2.52
N ASP A 343 28.59 -2.38 -3.34
CA ASP A 343 28.32 -1.38 -4.37
C ASP A 343 27.46 -1.96 -5.49
N GLU A 344 27.60 -3.25 -5.78
CA GLU A 344 26.71 -3.87 -6.76
C GLU A 344 25.27 -3.80 -6.30
N PHE A 345 25.02 -4.05 -5.02
CA PHE A 345 23.66 -3.88 -4.51
C PHE A 345 23.24 -2.42 -4.47
N LEU A 346 24.16 -1.53 -4.09
CA LEU A 346 23.81 -0.12 -3.94
C LEU A 346 23.53 0.55 -5.27
N ARG A 347 24.12 0.06 -6.36
CA ARG A 347 23.80 0.62 -7.67
C ARG A 347 22.33 0.41 -8.02
N ILE A 348 21.83 -0.80 -7.78
CA ILE A 348 20.41 -1.07 -7.97
C ILE A 348 19.58 -0.26 -6.97
N SER A 349 20.08 -0.13 -5.75
CA SER A 349 19.34 0.63 -4.74
C SER A 349 19.15 2.08 -5.15
N THR A 350 20.19 2.72 -5.69
CA THR A 350 20.15 4.13 -6.04
C THR A 350 19.75 4.38 -7.49
N ALA A 351 19.53 3.33 -8.29
CA ALA A 351 19.10 3.53 -9.67
C ALA A 351 17.74 4.23 -9.73
N SER A 352 16.81 3.84 -8.86
CA SER A 352 15.49 4.43 -8.81
C SER A 352 15.04 4.54 -7.37
N GLY A 353 13.82 5.02 -7.17
CA GLY A 353 13.26 5.16 -5.83
C GLY A 353 14.04 6.14 -4.97
N ASP A 354 13.99 7.42 -5.33
CA ASP A 354 14.77 8.45 -4.65
C ASP A 354 13.90 9.22 -3.68
N GLY A 355 14.34 9.31 -2.43
CA GLY A 355 13.68 10.12 -1.43
C GLY A 355 12.51 9.47 -0.73
N ARG A 356 12.19 8.22 -1.04
CA ARG A 356 11.06 7.54 -0.42
C ARG A 356 11.43 6.27 0.33
N HIS A 357 12.46 5.56 -0.10
CA HIS A 357 12.96 4.41 0.64
C HIS A 357 14.46 4.27 0.39
N TYR A 358 15.16 3.70 1.35
CA TYR A 358 16.61 3.60 1.31
C TYR A 358 17.05 2.19 1.66
N CYS A 359 18.32 1.91 1.38
CA CYS A 359 18.94 0.63 1.68
C CYS A 359 19.98 0.80 2.78
N TYR A 360 20.09 -0.19 3.66
CA TYR A 360 20.99 -0.16 4.80
C TYR A 360 21.86 -1.42 4.76
N PRO A 361 22.91 -1.42 3.95
CA PRO A 361 23.77 -2.60 3.86
C PRO A 361 24.53 -2.86 5.15
N HIS A 362 24.79 -4.14 5.41
CA HIS A 362 25.55 -4.56 6.57
C HIS A 362 26.35 -5.80 6.22
N PHE A 363 27.43 -6.02 6.96
CA PHE A 363 28.28 -7.20 6.78
C PHE A 363 28.11 -8.09 8.01
N THR A 364 27.25 -9.11 7.87
CA THR A 364 26.92 -10.01 8.96
C THR A 364 27.51 -11.39 8.72
N CYS A 365 27.43 -12.23 9.74
CA CYS A 365 27.92 -13.60 9.67
C CYS A 365 27.19 -14.42 10.72
N ALA A 366 27.52 -15.72 10.76
CA ALA A 366 26.88 -16.62 11.72
C ALA A 366 27.28 -16.26 13.15
N VAL A 367 28.56 -15.99 13.38
CA VAL A 367 29.04 -15.65 14.72
C VAL A 367 28.71 -14.22 15.11
N ASP A 368 28.22 -13.41 14.17
CA ASP A 368 27.82 -12.04 14.47
C ASP A 368 26.72 -12.04 15.52
N THR A 369 26.73 -11.02 16.40
CA THR A 369 25.83 -11.02 17.55
C THR A 369 25.11 -9.69 17.77
N GLU A 370 25.25 -8.72 16.86
CA GLU A 370 24.53 -7.45 16.98
C GLU A 370 23.60 -7.19 15.79
N ASN A 371 23.10 -8.25 15.15
CA ASN A 371 22.11 -8.07 14.09
C ASN A 371 20.84 -7.43 14.64
N ILE A 372 20.45 -7.80 15.87
CA ILE A 372 19.26 -7.22 16.48
C ILE A 372 19.42 -5.72 16.66
N ARG A 373 20.58 -5.27 17.14
CA ARG A 373 20.81 -3.84 17.32
C ARG A 373 20.88 -3.12 15.98
N ARG A 374 21.45 -3.78 14.97
CA ARG A 374 21.49 -3.20 13.63
C ARG A 374 20.09 -2.97 13.10
N VAL A 375 19.21 -3.97 13.26
CA VAL A 375 17.83 -3.83 12.81
C VAL A 375 17.13 -2.73 13.59
N PHE A 376 17.37 -2.65 14.90
CA PHE A 376 16.75 -1.61 15.71
C PHE A 376 17.17 -0.23 15.24
N ASN A 377 18.46 -0.03 15.00
CA ASN A 377 18.96 1.26 14.55
C ASN A 377 18.41 1.63 13.17
N ASP A 378 18.36 0.65 12.27
CA ASP A 378 17.83 0.94 10.93
C ASP A 378 16.35 1.30 10.98
N CYS A 379 15.56 0.60 11.81
CA CYS A 379 14.16 0.94 11.94
C CYS A 379 13.98 2.31 12.59
N ARG A 380 14.82 2.63 13.57
CA ARG A 380 14.78 3.95 14.19
C ARG A 380 15.02 5.04 13.15
N ASP A 381 16.04 4.83 12.30
CA ASP A 381 16.34 5.79 11.24
C ASP A 381 15.18 5.90 10.26
N ILE A 382 14.57 4.77 9.91
CA ILE A 382 13.46 4.79 8.94
C ILE A 382 12.28 5.58 9.50
N ILE A 383 11.94 5.34 10.77
CA ILE A 383 10.83 6.05 11.38
C ILE A 383 11.14 7.54 11.51
N GLN A 384 12.37 7.88 11.89
CA GLN A 384 12.74 9.29 11.98
C GLN A 384 12.64 9.98 10.62
N ARG A 385 13.11 9.32 9.57
CA ARG A 385 13.02 9.90 8.23
C ARG A 385 11.57 10.07 7.80
N MET A 386 10.72 9.08 8.09
CA MET A 386 9.32 9.20 7.73
C MET A 386 8.64 10.35 8.47
N HIS A 387 8.94 10.50 9.77
CA HIS A 387 8.37 11.60 10.54
C HIS A 387 8.85 12.95 10.03
N LEU A 388 10.14 13.04 9.68
CA LEU A 388 10.65 14.29 9.13
C LEU A 388 10.01 14.60 7.78
N ARG A 389 9.76 13.57 6.97
CA ARG A 389 9.12 13.79 5.68
C ARG A 389 7.68 14.26 5.83
N GLN A 390 6.96 13.74 6.83
CA GLN A 390 5.59 14.20 7.05
C GLN A 390 5.53 15.69 7.36
N TYR A 391 6.59 16.23 7.94
CA TYR A 391 6.64 17.64 8.29
C TYR A 391 7.16 18.51 7.16
N GLU A 392 7.45 17.93 5.99
CA GLU A 392 8.05 18.64 4.87
C GLU A 392 9.35 19.32 5.30
N LEU A 393 10.09 18.65 6.16
CA LEU A 393 11.29 19.21 6.77
C LEU A 393 12.56 18.54 6.26
N LEU A 394 12.47 17.38 5.63
CA LEU A 394 13.63 16.71 5.06
C LEU A 394 13.38 16.34 3.60
N GLU B 8 8.50 -40.43 -27.30
CA GLU B 8 7.06 -40.45 -27.47
C GLU B 8 6.43 -39.17 -26.94
N LEU B 9 7.20 -38.41 -26.16
CA LEU B 9 6.71 -37.16 -25.61
C LEU B 9 6.42 -36.15 -26.72
N ASP B 10 7.30 -36.06 -27.71
CA ASP B 10 7.12 -35.08 -28.78
C ASP B 10 5.84 -35.32 -29.56
N GLN B 11 5.56 -36.59 -29.88
CA GLN B 11 4.32 -36.91 -30.59
C GLN B 11 3.10 -36.52 -29.78
N LEU B 12 3.17 -36.73 -28.46
CA LEU B 12 2.07 -36.30 -27.60
C LEU B 12 1.93 -34.77 -27.58
N ARG B 13 3.06 -34.06 -27.67
CA ARG B 13 2.98 -32.59 -27.78
C ARG B 13 2.31 -32.15 -29.07
N GLN B 14 2.65 -32.79 -30.20
CA GLN B 14 1.95 -32.44 -31.43
C GLN B 14 0.48 -32.80 -31.37
N GLU B 15 0.14 -33.93 -30.73
CA GLU B 15 -1.27 -34.29 -30.55
C GLU B 15 -1.99 -33.24 -29.73
N ALA B 16 -1.36 -32.76 -28.66
CA ALA B 16 -1.98 -31.74 -27.81
C ALA B 16 -2.18 -30.44 -28.58
N GLU B 17 -1.17 -30.02 -29.35
CA GLU B 17 -1.29 -28.75 -30.06
C GLU B 17 -2.32 -28.83 -31.18
N GLN B 18 -2.41 -29.98 -31.87
CA GLN B 18 -3.44 -30.12 -32.89
C GLN B 18 -4.82 -30.22 -32.29
N LEU B 19 -4.95 -30.83 -31.11
CA LEU B 19 -6.24 -30.84 -30.42
C LEU B 19 -6.65 -29.43 -30.01
N LYS B 20 -5.69 -28.63 -29.52
CA LYS B 20 -5.99 -27.25 -29.18
C LYS B 20 -6.40 -26.46 -30.43
N ASN B 21 -5.72 -26.70 -31.55
CA ASN B 21 -6.09 -26.03 -32.80
C ASN B 21 -7.49 -26.42 -33.24
N GLN B 22 -7.85 -27.70 -33.10
CA GLN B 22 -9.20 -28.14 -33.44
C GLN B 22 -10.23 -27.48 -32.54
N ILE B 23 -9.93 -27.37 -31.24
CA ILE B 23 -10.85 -26.71 -30.32
C ILE B 23 -11.03 -25.25 -30.70
N ARG B 24 -9.94 -24.57 -31.04
CA ARG B 24 -10.02 -23.17 -31.44
C ARG B 24 -10.84 -23.02 -32.73
N ASP B 25 -10.64 -23.91 -33.69
CA ASP B 25 -11.41 -23.85 -34.93
C ASP B 25 -12.90 -24.07 -34.66
N ALA B 26 -13.22 -25.03 -33.80
CA ALA B 26 -14.62 -25.27 -33.47
C ALA B 26 -15.23 -24.06 -32.76
N ARG B 27 -14.49 -23.43 -31.86
CA ARG B 27 -14.98 -22.23 -31.19
C ARG B 27 -15.21 -21.10 -32.18
N LYS B 28 -14.29 -20.92 -33.13
CA LYS B 28 -14.46 -19.89 -34.14
C LYS B 28 -15.68 -20.17 -35.01
N ALA B 29 -15.90 -21.44 -35.38
CA ALA B 29 -17.06 -21.80 -36.18
C ALA B 29 -18.36 -21.55 -35.41
N CYS B 30 -18.36 -21.85 -34.11
CA CYS B 30 -19.57 -21.69 -33.31
C CYS B 30 -19.99 -20.23 -33.14
N ALA B 31 -19.10 -19.29 -33.43
CA ALA B 31 -19.40 -17.86 -33.28
C ALA B 31 -19.84 -17.32 -34.63
N ASP B 32 -21.16 -17.24 -34.82
CA ASP B 32 -21.73 -16.73 -36.06
C ASP B 32 -21.95 -15.22 -36.04
N ALA B 33 -21.80 -14.57 -34.88
CA ALA B 33 -22.02 -13.14 -34.76
C ALA B 33 -21.31 -12.66 -33.50
N THR B 34 -21.54 -11.41 -33.13
CA THR B 34 -20.95 -10.84 -31.93
C THR B 34 -21.92 -9.85 -31.31
N LEU B 35 -21.68 -9.55 -30.03
CA LEU B 35 -22.57 -8.69 -29.26
C LEU B 35 -22.54 -7.23 -29.70
N SER B 36 -21.60 -6.86 -30.57
CA SER B 36 -21.54 -5.47 -31.04
C SER B 36 -22.82 -5.07 -31.77
N GLN B 37 -23.35 -5.98 -32.60
CA GLN B 37 -24.56 -5.69 -33.35
C GLN B 37 -25.81 -6.38 -32.80
N ILE B 38 -25.65 -7.36 -31.90
CA ILE B 38 -26.82 -8.00 -31.32
C ILE B 38 -27.52 -7.06 -30.36
N THR B 39 -26.76 -6.36 -29.53
CA THR B 39 -27.31 -5.45 -28.53
C THR B 39 -27.19 -3.99 -28.91
N ASN B 40 -26.83 -3.68 -30.16
CA ASN B 40 -26.69 -2.30 -30.59
C ASN B 40 -28.00 -1.55 -30.56
N ASN B 41 -29.14 -2.24 -30.62
CA ASN B 41 -30.45 -1.63 -30.59
C ASN B 41 -31.04 -1.56 -29.18
N ILE B 42 -30.19 -1.60 -28.15
CA ILE B 42 -30.61 -1.55 -26.76
C ILE B 42 -30.26 -0.18 -26.19
N ASP B 43 -31.24 0.47 -25.58
CA ASP B 43 -31.02 1.79 -25.01
C ASP B 43 -30.04 1.70 -23.84
N PRO B 44 -29.02 2.55 -23.79
CA PRO B 44 -28.10 2.51 -22.65
C PRO B 44 -28.79 2.94 -21.36
N VAL B 45 -28.26 2.44 -20.24
CA VAL B 45 -28.82 2.76 -18.93
C VAL B 45 -28.53 4.18 -18.49
N GLY B 46 -27.80 4.95 -19.29
CA GLY B 46 -27.51 6.33 -18.90
C GLY B 46 -26.33 6.37 -17.94
N ARG B 47 -26.45 7.22 -16.93
CA ARG B 47 -25.40 7.37 -15.91
C ARG B 47 -25.92 6.81 -14.60
N ILE B 48 -25.17 5.88 -14.00
CA ILE B 48 -25.52 5.28 -12.73
C ILE B 48 -24.79 6.07 -11.65
N GLN B 49 -25.43 7.13 -11.17
CA GLN B 49 -24.85 8.00 -10.14
C GLN B 49 -25.20 7.42 -8.77
N MET B 50 -24.19 6.94 -8.06
CA MET B 50 -24.36 6.38 -6.73
C MET B 50 -23.51 7.16 -5.73
N ARG B 51 -24.07 7.35 -4.54
CA ARG B 51 -23.43 8.11 -3.48
C ARG B 51 -23.32 7.23 -2.24
N THR B 52 -22.26 7.44 -1.47
CA THR B 52 -22.06 6.64 -0.26
C THR B 52 -23.12 7.01 0.77
N ARG B 53 -23.74 5.98 1.35
CA ARG B 53 -24.74 6.14 2.40
C ARG B 53 -24.17 5.88 3.79
N ARG B 54 -23.31 4.88 3.93
CA ARG B 54 -22.67 4.56 5.19
C ARG B 54 -21.18 4.35 4.96
N THR B 55 -20.38 4.73 5.95
CA THR B 55 -18.94 4.51 5.92
C THR B 55 -18.55 3.83 7.22
N LEU B 56 -18.02 2.61 7.12
CA LEU B 56 -17.71 1.79 8.28
C LEU B 56 -16.22 1.90 8.58
N ARG B 57 -15.89 2.29 9.81
CA ARG B 57 -14.52 2.49 10.24
C ARG B 57 -14.24 1.67 11.49
N GLY B 58 -12.97 1.37 11.71
CA GLY B 58 -12.57 0.61 12.87
C GLY B 58 -11.41 -0.34 12.62
N HIS B 59 -11.17 -0.68 11.34
CA HIS B 59 -10.06 -1.54 10.99
C HIS B 59 -8.75 -0.75 11.03
N LEU B 60 -7.75 -1.30 11.71
CA LEU B 60 -6.47 -0.60 11.84
C LEU B 60 -5.67 -0.66 10.55
N ALA B 61 -5.61 -1.83 9.91
CA ALA B 61 -4.83 -2.03 8.71
C ALA B 61 -5.77 -2.13 7.50
N LYS B 62 -5.20 -2.45 6.34
CA LYS B 62 -5.97 -2.48 5.11
C LYS B 62 -6.98 -3.63 5.13
N ILE B 63 -8.18 -3.35 4.63
CA ILE B 63 -9.19 -4.37 4.43
C ILE B 63 -8.91 -5.08 3.11
N TYR B 64 -8.85 -6.41 3.13
CA TYR B 64 -8.45 -7.11 1.93
C TYR B 64 -9.56 -7.96 1.31
N ALA B 65 -10.59 -8.32 2.07
CA ALA B 65 -11.71 -9.10 1.54
C ALA B 65 -12.95 -8.86 2.37
N MET B 66 -14.11 -9.18 1.77
CA MET B 66 -15.37 -9.07 2.48
C MET B 66 -16.40 -9.99 1.84
N HIS B 67 -17.48 -10.25 2.57
CA HIS B 67 -18.60 -11.03 2.07
C HIS B 67 -19.90 -10.51 2.67
N TRP B 68 -20.92 -10.40 1.84
CA TRP B 68 -22.25 -9.97 2.26
C TRP B 68 -23.02 -11.11 2.90
N GLY B 69 -23.99 -10.75 3.74
CA GLY B 69 -24.85 -11.73 4.36
C GLY B 69 -26.01 -12.14 3.46
N THR B 70 -26.70 -13.20 3.90
CA THR B 70 -27.88 -13.65 3.17
C THR B 70 -29.07 -12.74 3.41
N ASP B 71 -29.13 -12.07 4.56
CA ASP B 71 -30.22 -11.19 4.89
C ASP B 71 -30.02 -9.77 4.35
N SER B 72 -28.91 -9.51 3.66
CA SER B 72 -28.56 -8.20 3.12
C SER B 72 -28.38 -7.14 4.21
N ARG B 73 -28.16 -7.58 5.45
CA ARG B 73 -27.99 -6.68 6.59
C ARG B 73 -26.60 -6.73 7.20
N LEU B 74 -26.02 -7.91 7.34
CA LEU B 74 -24.77 -8.09 8.06
C LEU B 74 -23.60 -8.26 7.09
N LEU B 75 -22.43 -7.77 7.49
CA LEU B 75 -21.22 -7.84 6.69
C LEU B 75 -20.11 -8.47 7.50
N VAL B 76 -19.20 -9.14 6.80
CA VAL B 76 -17.94 -9.60 7.40
C VAL B 76 -16.80 -9.03 6.59
N SER B 77 -15.82 -8.43 7.27
CA SER B 77 -14.67 -7.83 6.63
C SER B 77 -13.40 -8.29 7.31
N ALA B 78 -12.41 -8.66 6.51
CA ALA B 78 -11.13 -9.15 6.98
C ALA B 78 -10.05 -8.11 6.74
N SER B 79 -9.26 -7.82 7.77
CA SER B 79 -8.20 -6.84 7.67
C SER B 79 -6.86 -7.46 8.05
N GLN B 80 -5.79 -6.94 7.44
CA GLN B 80 -4.45 -7.49 7.64
C GLN B 80 -3.91 -7.25 9.04
N ASP B 81 -4.57 -6.43 9.86
CA ASP B 81 -4.17 -6.26 11.24
C ASP B 81 -4.47 -7.49 12.08
N GLY B 82 -5.21 -8.45 11.55
CA GLY B 82 -5.62 -9.62 12.29
C GLY B 82 -7.03 -9.55 12.84
N LYS B 83 -7.96 -8.92 12.13
CA LYS B 83 -9.32 -8.73 12.63
C LYS B 83 -10.34 -9.16 11.59
N LEU B 84 -11.40 -9.80 12.07
CA LEU B 84 -12.57 -10.16 11.28
C LEU B 84 -13.76 -9.47 11.94
N ILE B 85 -14.27 -8.41 11.32
CA ILE B 85 -15.31 -7.59 11.92
C ILE B 85 -16.61 -7.81 11.18
N ILE B 86 -17.66 -8.13 11.93
CA ILE B 86 -19.01 -8.27 11.40
C ILE B 86 -19.79 -7.03 11.76
N TRP B 87 -20.19 -6.29 10.74
CA TRP B 87 -20.92 -5.03 10.84
C TRP B 87 -22.41 -5.24 10.61
N ASP B 88 -23.19 -4.32 11.16
CA ASP B 88 -24.59 -4.13 10.81
C ASP B 88 -24.67 -2.97 9.83
N SER B 89 -25.00 -3.26 8.57
CA SER B 89 -24.91 -2.24 7.54
C SER B 89 -25.92 -1.13 7.74
N TYR B 90 -27.11 -1.46 8.26
CA TYR B 90 -28.17 -0.46 8.37
C TYR B 90 -27.80 0.64 9.35
N THR B 91 -27.20 0.27 10.48
CA THR B 91 -26.91 1.21 11.56
C THR B 91 -25.43 1.38 11.83
N THR B 92 -24.56 0.86 10.96
CA THR B 92 -23.10 0.93 11.13
C THR B 92 -22.66 0.36 12.48
N ASN B 93 -23.39 -0.61 13.01
CA ASN B 93 -23.08 -1.19 14.31
C ASN B 93 -22.19 -2.41 14.15
N LYS B 94 -21.08 -2.44 14.88
CA LYS B 94 -20.20 -3.59 14.88
C LYS B 94 -20.83 -4.71 15.70
N VAL B 95 -21.37 -5.71 15.03
CA VAL B 95 -21.93 -6.85 15.75
C VAL B 95 -20.83 -7.70 16.38
N HIS B 96 -19.77 -7.98 15.64
CA HIS B 96 -18.74 -8.89 16.13
C HIS B 96 -17.36 -8.38 15.72
N ALA B 97 -16.36 -8.78 16.51
CA ALA B 97 -14.96 -8.47 16.20
C ALA B 97 -14.11 -9.64 16.70
N ILE B 98 -13.67 -10.48 15.78
CA ILE B 98 -12.95 -11.71 16.11
C ILE B 98 -11.47 -11.49 15.81
N PRO B 99 -10.57 -11.70 16.78
CA PRO B 99 -9.15 -11.68 16.47
C PRO B 99 -8.69 -12.98 15.85
N LEU B 100 -7.68 -12.89 14.99
CA LEU B 100 -7.17 -14.02 14.24
C LEU B 100 -5.81 -14.45 14.78
N ARG B 101 -5.55 -15.75 14.70
CA ARG B 101 -4.25 -16.26 15.13
C ARG B 101 -3.12 -15.74 14.24
N SER B 102 -3.36 -15.68 12.93
CA SER B 102 -2.39 -15.16 11.98
C SER B 102 -2.89 -13.83 11.46
N SER B 103 -2.02 -12.81 11.50
CA SER B 103 -2.42 -11.47 11.09
C SER B 103 -2.74 -11.39 9.61
N TRP B 104 -2.13 -12.25 8.80
CA TRP B 104 -2.27 -12.17 7.35
C TRP B 104 -3.48 -12.99 6.92
N VAL B 105 -4.58 -12.30 6.65
CA VAL B 105 -5.81 -12.91 6.15
C VAL B 105 -6.07 -12.35 4.76
N MET B 106 -6.36 -13.25 3.81
CA MET B 106 -6.57 -12.86 2.43
C MET B 106 -7.96 -13.18 1.91
N THR B 107 -8.85 -13.72 2.75
CA THR B 107 -10.20 -14.02 2.31
C THR B 107 -11.10 -14.18 3.52
N CYS B 108 -12.41 -14.05 3.29
CA CYS B 108 -13.40 -14.33 4.30
C CYS B 108 -14.71 -14.68 3.61
N ALA B 109 -15.47 -15.57 4.24
CA ALA B 109 -16.76 -15.99 3.72
C ALA B 109 -17.77 -15.99 4.86
N TYR B 110 -19.03 -15.80 4.50
CA TYR B 110 -20.12 -15.76 5.47
C TYR B 110 -21.12 -16.84 5.09
N ALA B 111 -21.46 -17.68 6.07
CA ALA B 111 -22.29 -18.85 5.78
C ALA B 111 -23.68 -18.41 5.33
N PRO B 112 -24.31 -19.18 4.42
CA PRO B 112 -25.66 -18.81 3.97
C PRO B 112 -26.67 -18.75 5.11
N SER B 113 -26.53 -19.63 6.11
CA SER B 113 -27.41 -19.60 7.27
C SER B 113 -27.03 -18.52 8.26
N GLY B 114 -25.83 -17.94 8.14
CA GLY B 114 -25.38 -16.93 9.08
C GLY B 114 -24.81 -17.48 10.37
N ASN B 115 -24.74 -18.80 10.53
CA ASN B 115 -24.21 -19.38 11.75
C ASN B 115 -22.70 -19.32 11.82
N TYR B 116 -22.01 -19.46 10.69
CA TYR B 116 -20.56 -19.60 10.67
C TYR B 116 -19.93 -18.53 9.79
N VAL B 117 -18.65 -18.30 10.03
CA VAL B 117 -17.85 -17.38 9.23
C VAL B 117 -16.46 -17.99 9.03
N ALA B 118 -15.94 -17.90 7.82
CA ALA B 118 -14.66 -18.51 7.49
C ALA B 118 -13.65 -17.46 7.08
N CYS B 119 -12.36 -17.79 7.26
CA CYS B 119 -11.29 -16.90 6.83
C CYS B 119 -10.02 -17.71 6.63
N GLY B 120 -9.25 -17.35 5.60
CA GLY B 120 -7.98 -18.00 5.34
C GLY B 120 -6.93 -16.97 4.94
N GLY B 121 -5.69 -17.44 4.82
CA GLY B 121 -4.62 -16.53 4.45
C GLY B 121 -3.28 -17.19 4.23
N LEU B 122 -2.20 -16.47 4.59
CA LEU B 122 -0.84 -16.96 4.38
C LEU B 122 -0.51 -18.18 5.24
N ASP B 123 -1.29 -18.43 6.30
CA ASP B 123 -1.05 -19.58 7.14
C ASP B 123 -1.48 -20.90 6.49
N ASN B 124 -2.10 -20.84 5.32
CA ASN B 124 -2.57 -21.99 4.57
C ASN B 124 -3.66 -22.76 5.31
N ILE B 125 -4.29 -22.14 6.30
CA ILE B 125 -5.29 -22.78 7.14
C ILE B 125 -6.58 -22.00 7.05
N CYS B 126 -7.68 -22.70 6.79
CA CYS B 126 -9.01 -22.09 6.77
C CYS B 126 -9.62 -22.23 8.16
N SER B 127 -9.80 -21.10 8.85
CA SER B 127 -10.39 -21.08 10.18
C SER B 127 -11.88 -20.76 10.06
N ILE B 128 -12.70 -21.57 10.72
CA ILE B 128 -14.14 -21.43 10.70
C ILE B 128 -14.61 -21.18 12.12
N TYR B 129 -15.31 -20.06 12.32
CA TYR B 129 -15.80 -19.61 13.62
C TYR B 129 -17.32 -19.73 13.67
N ASN B 130 -17.83 -20.24 14.78
CA ASN B 130 -19.26 -20.39 14.99
C ASN B 130 -19.79 -19.15 15.71
N LEU B 131 -20.58 -18.34 15.00
CA LEU B 131 -21.12 -17.13 15.60
C LEU B 131 -22.22 -17.45 16.61
N LYS B 132 -23.12 -18.37 16.26
CA LYS B 132 -24.28 -18.69 17.10
C LYS B 132 -23.87 -19.73 18.14
N THR B 133 -23.09 -19.27 19.11
CA THR B 133 -22.59 -20.13 20.18
C THR B 133 -23.47 -19.99 21.42
N ARG B 134 -23.29 -20.94 22.35
CA ARG B 134 -24.12 -20.98 23.55
C ARG B 134 -23.83 -19.80 24.47
N GLU B 135 -22.56 -19.52 24.72
CA GLU B 135 -22.15 -18.50 25.68
C GLU B 135 -22.08 -17.10 25.08
N GLY B 136 -22.29 -16.96 23.78
CA GLY B 136 -22.26 -15.65 23.15
C GLY B 136 -20.89 -15.14 22.77
N ASN B 137 -19.83 -15.89 23.05
CA ASN B 137 -18.47 -15.50 22.71
C ASN B 137 -18.00 -16.31 21.51
N VAL B 138 -17.56 -15.62 20.46
CA VAL B 138 -17.17 -16.30 19.22
C VAL B 138 -15.80 -16.94 19.42
N ARG B 139 -15.72 -18.24 19.14
CA ARG B 139 -14.48 -18.99 19.22
C ARG B 139 -14.31 -19.82 17.96
N VAL B 140 -13.06 -20.15 17.65
CA VAL B 140 -12.77 -20.92 16.45
C VAL B 140 -13.37 -22.32 16.60
N SER B 141 -14.15 -22.73 15.60
CA SER B 141 -14.80 -24.03 15.64
C SER B 141 -14.06 -25.08 14.83
N ARG B 142 -13.38 -24.68 13.76
CA ARG B 142 -12.68 -25.65 12.93
C ARG B 142 -11.46 -25.00 12.30
N GLU B 143 -10.41 -25.80 12.09
CA GLU B 143 -9.19 -25.36 11.42
C GLU B 143 -8.86 -26.38 10.33
N LEU B 144 -9.31 -26.11 9.11
CA LEU B 144 -9.03 -26.98 7.98
C LEU B 144 -7.63 -26.72 7.45
N ALA B 145 -6.83 -27.76 7.37
CA ALA B 145 -5.44 -27.66 6.91
C ALA B 145 -5.17 -28.75 5.88
N GLY B 146 -4.19 -28.48 5.01
CA GLY B 146 -3.85 -29.42 3.96
C GLY B 146 -3.36 -28.77 2.68
N HIS B 147 -3.68 -27.50 2.49
CA HIS B 147 -3.11 -26.76 1.37
C HIS B 147 -1.64 -26.45 1.62
N THR B 148 -0.83 -26.54 0.57
CA THR B 148 0.59 -26.19 0.65
C THR B 148 0.86 -24.79 0.12
N GLY B 149 -0.18 -24.02 -0.20
CA GLY B 149 -0.01 -22.64 -0.60
C GLY B 149 -1.03 -21.77 0.11
N TYR B 150 -0.85 -20.46 -0.03
CA TYR B 150 -1.74 -19.52 0.63
C TYR B 150 -3.16 -19.70 0.13
N LEU B 151 -4.13 -19.64 1.05
CA LEU B 151 -5.52 -19.82 0.69
C LEU B 151 -6.10 -18.48 0.25
N SER B 152 -6.51 -18.39 -1.01
CA SER B 152 -6.86 -17.11 -1.62
C SER B 152 -8.35 -16.78 -1.51
N CYS B 153 -9.22 -17.77 -1.57
CA CYS B 153 -10.65 -17.50 -1.50
C CYS B 153 -11.38 -18.73 -0.97
N CYS B 154 -12.40 -18.49 -0.16
CA CYS B 154 -13.26 -19.55 0.36
C CYS B 154 -14.71 -19.11 0.23
N ARG B 155 -15.59 -20.06 -0.11
CA ARG B 155 -17.00 -19.78 -0.25
C ARG B 155 -17.78 -20.94 0.36
N PHE B 156 -18.65 -20.63 1.31
CA PHE B 156 -19.46 -21.67 1.96
C PHE B 156 -20.45 -22.25 0.96
N LEU B 157 -20.23 -23.50 0.57
CA LEU B 157 -21.22 -24.20 -0.25
C LEU B 157 -22.54 -24.30 0.50
N ASP B 158 -22.49 -24.81 1.72
CA ASP B 158 -23.58 -24.76 2.69
C ASP B 158 -22.95 -25.00 4.06
N ASP B 159 -23.76 -25.30 5.06
CA ASP B 159 -23.22 -25.78 6.32
C ASP B 159 -22.59 -27.14 6.12
N ASN B 160 -21.48 -27.37 6.81
CA ASN B 160 -20.76 -28.65 6.79
C ASN B 160 -20.06 -28.93 5.46
N GLN B 161 -19.97 -27.93 4.58
CA GLN B 161 -19.23 -28.05 3.33
C GLN B 161 -18.69 -26.69 2.93
N ILE B 162 -17.46 -26.66 2.44
CA ILE B 162 -16.81 -25.41 2.04
C ILE B 162 -15.86 -25.70 0.88
N VAL B 163 -15.68 -24.71 0.01
CA VAL B 163 -14.76 -24.79 -1.12
C VAL B 163 -13.70 -23.72 -0.93
N THR B 164 -12.43 -24.13 -0.98
CA THR B 164 -11.31 -23.22 -0.78
C THR B 164 -10.32 -23.39 -1.92
N SER B 165 -9.95 -22.28 -2.55
CA SER B 165 -8.89 -22.27 -3.56
C SER B 165 -7.61 -21.75 -2.92
N SER B 166 -6.49 -22.36 -3.27
CA SER B 166 -5.24 -22.04 -2.60
C SER B 166 -4.17 -21.64 -3.61
N GLY B 167 -3.02 -21.25 -3.07
CA GLY B 167 -1.85 -20.88 -3.85
C GLY B 167 -1.02 -22.04 -4.33
N ASP B 168 -1.40 -23.27 -4.00
CA ASP B 168 -0.76 -24.46 -4.56
C ASP B 168 -1.40 -24.89 -5.88
N THR B 169 -2.07 -23.96 -6.56
CA THR B 169 -2.71 -24.22 -7.86
C THR B 169 -3.79 -25.28 -7.76
N THR B 170 -4.43 -25.39 -6.60
CA THR B 170 -5.48 -26.39 -6.41
C THR B 170 -6.65 -25.77 -5.66
N CYS B 171 -7.83 -26.32 -5.91
CA CYS B 171 -9.03 -26.05 -5.13
C CYS B 171 -9.43 -27.30 -4.37
N ALA B 172 -10.21 -27.13 -3.31
CA ALA B 172 -10.59 -28.26 -2.48
C ALA B 172 -11.99 -28.07 -1.94
N LEU B 173 -12.73 -29.17 -1.85
CA LEU B 173 -14.01 -29.23 -1.17
C LEU B 173 -13.83 -30.05 0.10
N TRP B 174 -14.13 -29.44 1.24
CA TRP B 174 -13.85 -29.99 2.56
C TRP B 174 -15.12 -30.51 3.21
N ASP B 175 -14.93 -31.20 4.33
CA ASP B 175 -16.01 -31.63 5.21
C ASP B 175 -15.70 -31.10 6.60
N ILE B 176 -16.57 -30.25 7.14
CA ILE B 176 -16.20 -29.43 8.30
C ILE B 176 -16.04 -30.28 9.55
N GLU B 177 -17.01 -31.15 9.84
CA GLU B 177 -16.96 -31.87 11.12
C GLU B 177 -15.82 -32.89 11.11
N THR B 178 -15.53 -33.49 9.95
CA THR B 178 -14.40 -34.41 9.87
C THR B 178 -13.07 -33.66 9.80
N GLY B 179 -13.07 -32.48 9.19
CA GLY B 179 -11.87 -31.68 9.08
C GLY B 179 -10.93 -32.06 7.96
N GLN B 180 -11.27 -33.08 7.17
CA GLN B 180 -10.43 -33.54 6.07
C GLN B 180 -11.13 -33.26 4.75
N GLN B 181 -10.36 -32.77 3.78
CA GLN B 181 -10.91 -32.40 2.49
C GLN B 181 -11.39 -33.64 1.73
N THR B 182 -12.55 -33.52 1.09
CA THR B 182 -13.15 -34.64 0.39
C THR B 182 -12.85 -34.66 -1.10
N THR B 183 -12.74 -33.50 -1.74
CA THR B 183 -12.49 -33.47 -3.18
C THR B 183 -11.37 -32.48 -3.49
N THR B 184 -10.55 -32.81 -4.47
CA THR B 184 -9.46 -31.97 -4.93
C THR B 184 -9.64 -31.65 -6.40
N PHE B 185 -9.57 -30.37 -6.75
CA PHE B 185 -9.68 -29.89 -8.12
C PHE B 185 -8.30 -29.39 -8.55
N THR B 186 -7.71 -30.07 -9.53
CA THR B 186 -6.38 -29.76 -10.00
C THR B 186 -6.41 -29.56 -11.51
N GLY B 187 -5.42 -28.83 -12.01
CA GLY B 187 -5.32 -28.55 -13.43
C GLY B 187 -4.82 -27.16 -13.72
N HIS B 188 -4.97 -26.26 -12.76
CA HIS B 188 -4.43 -24.91 -12.91
C HIS B 188 -2.92 -24.95 -12.78
N THR B 189 -2.24 -24.20 -13.66
CA THR B 189 -0.79 -24.10 -13.61
C THR B 189 -0.32 -22.86 -12.85
N GLY B 190 -1.24 -22.05 -12.33
CA GLY B 190 -0.87 -20.86 -11.60
C GLY B 190 -1.71 -20.71 -10.33
N ASP B 191 -1.46 -19.61 -9.63
CA ASP B 191 -2.17 -19.33 -8.38
C ASP B 191 -3.65 -19.10 -8.66
N VAL B 192 -4.50 -19.92 -8.07
CA VAL B 192 -5.94 -19.69 -8.16
C VAL B 192 -6.29 -18.54 -7.24
N MET B 193 -6.98 -17.53 -7.79
CA MET B 193 -7.18 -16.28 -7.05
C MET B 193 -8.59 -16.04 -6.58
N SER B 194 -9.61 -16.60 -7.24
CA SER B 194 -10.98 -16.30 -6.87
C SER B 194 -11.87 -17.50 -7.13
N LEU B 195 -13.02 -17.50 -6.45
CA LEU B 195 -14.00 -18.56 -6.55
C LEU B 195 -15.38 -17.95 -6.66
N SER B 196 -16.31 -18.71 -7.22
CA SER B 196 -17.70 -18.28 -7.29
C SER B 196 -18.58 -19.50 -7.41
N LEU B 197 -19.54 -19.63 -6.50
CA LEU B 197 -20.45 -20.76 -6.49
C LEU B 197 -21.67 -20.44 -7.34
N ALA B 198 -22.07 -21.40 -8.16
CA ALA B 198 -23.20 -21.21 -9.04
C ALA B 198 -24.50 -21.11 -8.24
N PRO B 199 -25.51 -20.44 -8.78
CA PRO B 199 -26.79 -20.34 -8.06
C PRO B 199 -27.42 -21.68 -7.73
N ASP B 200 -27.25 -22.69 -8.59
CA ASP B 200 -27.82 -24.00 -8.32
C ASP B 200 -26.96 -24.85 -7.39
N THR B 201 -25.78 -24.35 -6.99
CA THR B 201 -24.89 -25.04 -6.06
C THR B 201 -24.51 -26.41 -6.61
N ARG B 202 -24.15 -26.47 -7.89
CA ARG B 202 -23.72 -27.70 -8.53
C ARG B 202 -22.41 -27.55 -9.30
N LEU B 203 -22.02 -26.33 -9.66
CA LEU B 203 -20.79 -26.07 -10.38
C LEU B 203 -20.12 -24.85 -9.78
N PHE B 204 -18.85 -24.66 -10.10
CA PHE B 204 -18.20 -23.42 -9.67
C PHE B 204 -17.02 -23.11 -10.59
N VAL B 205 -16.75 -21.82 -10.75
CA VAL B 205 -15.69 -21.35 -11.64
C VAL B 205 -14.53 -20.84 -10.79
N SER B 206 -13.31 -21.10 -11.24
CA SER B 206 -12.12 -20.63 -10.58
C SER B 206 -11.15 -20.07 -11.61
N GLY B 207 -10.71 -18.84 -11.40
CA GLY B 207 -9.72 -18.22 -12.26
C GLY B 207 -8.36 -18.23 -11.58
N ALA B 208 -7.31 -18.51 -12.36
CA ALA B 208 -5.99 -18.70 -11.78
C ALA B 208 -5.00 -17.69 -12.36
N CYS B 209 -3.79 -17.72 -11.81
CA CYS B 209 -2.72 -16.86 -12.28
C CYS B 209 -2.03 -17.47 -13.50
N ASP B 210 -2.83 -17.87 -14.49
CA ASP B 210 -2.29 -18.32 -15.76
C ASP B 210 -3.15 -17.83 -16.92
N ALA B 211 -3.90 -16.75 -16.71
CA ALA B 211 -4.82 -16.20 -17.71
C ALA B 211 -5.84 -17.25 -18.15
N SER B 212 -6.33 -18.04 -17.19
CA SER B 212 -7.29 -19.09 -17.51
C SER B 212 -8.26 -19.28 -16.37
N ALA B 213 -9.52 -19.55 -16.72
CA ALA B 213 -10.56 -19.89 -15.76
C ALA B 213 -11.06 -21.29 -16.08
N LYS B 214 -11.61 -21.96 -15.08
CA LYS B 214 -12.08 -23.33 -15.25
C LYS B 214 -13.40 -23.51 -14.51
N LEU B 215 -14.35 -24.16 -15.19
CA LEU B 215 -15.61 -24.58 -14.60
C LEU B 215 -15.45 -26.01 -14.11
N TRP B 216 -15.62 -26.21 -12.81
CA TRP B 216 -15.52 -27.51 -12.17
C TRP B 216 -16.88 -27.96 -11.68
N ASP B 217 -17.13 -29.27 -11.78
CA ASP B 217 -18.31 -29.89 -11.19
C ASP B 217 -17.95 -30.33 -9.78
N VAL B 218 -18.57 -29.70 -8.79
CA VAL B 218 -18.22 -29.98 -7.39
C VAL B 218 -18.59 -31.40 -7.00
N ARG B 219 -19.68 -31.93 -7.57
CA ARG B 219 -20.15 -33.25 -7.16
C ARG B 219 -19.17 -34.35 -7.59
N GLU B 220 -18.72 -34.32 -8.83
CA GLU B 220 -17.86 -35.37 -9.35
C GLU B 220 -16.37 -35.03 -9.26
N GLY B 221 -16.02 -33.76 -9.42
CA GLY B 221 -14.68 -33.32 -9.05
C GLY B 221 -13.60 -33.35 -10.11
N MET B 222 -13.85 -32.74 -11.27
CA MET B 222 -12.80 -32.53 -12.26
C MET B 222 -13.20 -31.37 -13.15
N CYS B 223 -12.24 -30.88 -13.92
CA CYS B 223 -12.42 -29.68 -14.74
C CYS B 223 -13.41 -29.98 -15.85
N ARG B 224 -14.65 -29.51 -15.68
CA ARG B 224 -15.67 -29.72 -16.70
C ARG B 224 -15.36 -28.90 -17.96
N GLN B 225 -15.02 -27.63 -17.79
CA GLN B 225 -14.72 -26.78 -18.94
C GLN B 225 -13.57 -25.84 -18.59
N THR B 226 -12.94 -25.31 -19.63
CA THR B 226 -11.87 -24.34 -19.46
C THR B 226 -12.09 -23.16 -20.41
N PHE B 227 -11.60 -21.99 -20.01
CA PHE B 227 -11.75 -20.77 -20.78
C PHE B 227 -10.47 -19.95 -20.69
N THR B 228 -10.06 -19.39 -21.81
CA THR B 228 -8.88 -18.53 -21.90
C THR B 228 -9.26 -17.25 -22.64
N GLY B 229 -8.28 -16.36 -22.78
CA GLY B 229 -8.51 -15.10 -23.44
C GLY B 229 -7.85 -13.93 -22.76
N HIS B 230 -7.68 -14.02 -21.44
CA HIS B 230 -7.04 -12.95 -20.70
C HIS B 230 -5.55 -12.92 -21.00
N GLU B 231 -4.92 -11.80 -20.63
CA GLU B 231 -3.51 -11.56 -20.91
C GLU B 231 -2.61 -11.71 -19.71
N SER B 232 -3.16 -11.80 -18.51
CA SER B 232 -2.36 -11.85 -17.29
C SER B 232 -3.15 -12.60 -16.23
N ASP B 233 -2.70 -12.50 -14.97
CA ASP B 233 -3.32 -13.22 -13.88
C ASP B 233 -4.75 -12.74 -13.65
N ILE B 234 -5.66 -13.69 -13.51
CA ILE B 234 -7.05 -13.37 -13.17
C ILE B 234 -7.16 -13.17 -11.66
N ASN B 235 -7.72 -12.04 -11.24
CA ASN B 235 -7.83 -11.73 -9.83
C ASN B 235 -9.24 -11.86 -9.27
N ALA B 236 -10.27 -11.86 -10.12
CA ALA B 236 -11.64 -11.92 -9.63
C ALA B 236 -12.49 -12.69 -10.61
N ILE B 237 -13.58 -13.25 -10.09
CA ILE B 237 -14.53 -14.01 -10.89
C ILE B 237 -15.84 -14.08 -10.10
N CYS B 238 -16.95 -14.10 -10.83
CA CYS B 238 -18.26 -14.21 -10.20
C CYS B 238 -19.27 -14.69 -11.23
N PHE B 239 -20.23 -15.49 -10.78
CA PHE B 239 -21.26 -16.02 -11.66
C PHE B 239 -22.29 -14.95 -12.01
N PHE B 240 -22.77 -15.00 -13.25
CA PHE B 240 -23.93 -14.24 -13.65
C PHE B 240 -25.14 -14.73 -12.88
N PRO B 241 -26.10 -13.86 -12.57
CA PRO B 241 -27.28 -14.31 -11.81
C PRO B 241 -28.03 -15.46 -12.45
N ASN B 242 -28.07 -15.52 -13.78
CA ASN B 242 -28.71 -16.64 -14.46
C ASN B 242 -27.98 -17.95 -14.21
N GLY B 243 -26.69 -17.91 -13.89
CA GLY B 243 -25.90 -19.10 -13.70
C GLY B 243 -25.31 -19.67 -14.98
N ASN B 244 -25.52 -19.03 -16.12
CA ASN B 244 -24.99 -19.50 -17.40
C ASN B 244 -23.87 -18.63 -17.93
N ALA B 245 -23.29 -17.77 -17.09
CA ALA B 245 -22.23 -16.87 -17.54
C ALA B 245 -21.44 -16.42 -16.32
N PHE B 246 -20.27 -15.84 -16.58
CA PHE B 246 -19.45 -15.30 -15.50
C PHE B 246 -18.54 -14.21 -16.06
N ALA B 247 -17.98 -13.41 -15.16
CA ALA B 247 -17.11 -12.31 -15.52
C ALA B 247 -15.80 -12.40 -14.75
N THR B 248 -14.70 -12.08 -15.43
CA THR B 248 -13.36 -12.17 -14.86
C THR B 248 -12.61 -10.88 -15.10
N GLY B 249 -11.93 -10.39 -14.06
CA GLY B 249 -11.04 -9.25 -14.17
C GLY B 249 -9.61 -9.71 -13.95
N SER B 250 -8.67 -9.05 -14.63
CA SER B 250 -7.28 -9.47 -14.58
C SER B 250 -6.37 -8.24 -14.43
N ASP B 251 -5.07 -8.49 -14.40
CA ASP B 251 -4.08 -7.44 -14.29
C ASP B 251 -3.83 -6.71 -15.60
N ASP B 252 -4.40 -7.19 -16.71
CA ASP B 252 -4.28 -6.52 -17.99
C ASP B 252 -5.22 -5.33 -18.13
N ALA B 253 -5.84 -4.91 -17.02
CA ALA B 253 -6.75 -3.76 -17.00
C ALA B 253 -7.97 -3.97 -17.88
N THR B 254 -8.38 -5.21 -18.07
CA THR B 254 -9.56 -5.53 -18.85
C THR B 254 -10.42 -6.53 -18.10
N CYS B 255 -11.72 -6.50 -18.37
CA CYS B 255 -12.66 -7.49 -17.87
C CYS B 255 -13.26 -8.25 -19.04
N ARG B 256 -13.54 -9.53 -18.83
CA ARG B 256 -14.13 -10.36 -19.88
C ARG B 256 -15.32 -11.12 -19.33
N LEU B 257 -16.39 -11.15 -20.11
CA LEU B 257 -17.57 -11.94 -19.81
C LEU B 257 -17.57 -13.19 -20.69
N PHE B 258 -17.67 -14.36 -20.05
CA PHE B 258 -17.72 -15.64 -20.73
C PHE B 258 -19.07 -16.30 -20.49
N ASP B 259 -19.51 -17.07 -21.48
CA ASP B 259 -20.73 -17.86 -21.38
C ASP B 259 -20.36 -19.34 -21.37
N LEU B 260 -20.96 -20.09 -20.44
CA LEU B 260 -20.58 -21.49 -20.27
C LEU B 260 -20.97 -22.31 -21.50
N ARG B 261 -22.16 -22.08 -22.05
CA ARG B 261 -22.62 -22.86 -23.19
C ARG B 261 -21.87 -22.53 -24.46
N ALA B 262 -21.52 -21.25 -24.66
CA ALA B 262 -20.77 -20.86 -25.85
C ALA B 262 -19.34 -21.37 -25.79
N ASP B 263 -18.76 -21.47 -24.60
CA ASP B 263 -17.39 -21.93 -24.41
C ASP B 263 -16.40 -21.10 -25.23
N GLN B 264 -16.57 -19.78 -25.18
CA GLN B 264 -15.66 -18.87 -25.86
C GLN B 264 -15.82 -17.48 -25.25
N GLU B 265 -14.89 -16.59 -25.60
CA GLU B 265 -14.97 -15.21 -25.15
C GLU B 265 -16.23 -14.56 -25.71
N LEU B 266 -16.94 -13.85 -24.85
CA LEU B 266 -18.25 -13.30 -25.20
C LEU B 266 -18.27 -11.78 -25.19
N MET B 267 -17.80 -11.15 -24.12
CA MET B 267 -17.79 -9.69 -24.02
C MET B 267 -16.46 -9.23 -23.45
N THR B 268 -16.02 -8.04 -23.87
CA THR B 268 -14.80 -7.43 -23.37
C THR B 268 -15.12 -6.01 -22.91
N TYR B 269 -14.90 -5.75 -21.62
CA TYR B 269 -15.06 -4.41 -21.03
C TYR B 269 -13.67 -3.85 -20.80
N SER B 270 -13.34 -2.79 -21.53
CA SER B 270 -12.01 -2.17 -21.40
C SER B 270 -12.08 -0.73 -21.86
N HIS B 271 -11.06 0.03 -21.49
CA HIS B 271 -10.92 1.41 -21.91
C HIS B 271 -9.45 1.72 -22.15
N ASP B 272 -9.20 2.71 -23.01
CA ASP B 272 -7.81 3.05 -23.37
C ASP B 272 -7.06 3.62 -22.18
N ASN B 273 -7.70 4.48 -21.39
CA ASN B 273 -7.04 5.19 -20.31
C ASN B 273 -7.04 4.40 -18.99
N ILE B 274 -7.40 3.12 -19.03
CA ILE B 274 -7.38 2.25 -17.86
C ILE B 274 -6.20 1.31 -18.02
N ILE B 275 -5.20 1.46 -17.15
CA ILE B 275 -3.98 0.66 -17.23
C ILE B 275 -3.71 0.01 -15.88
N CYS B 276 -4.75 -0.08 -15.05
CA CYS B 276 -4.64 -0.68 -13.72
C CYS B 276 -5.46 -1.96 -13.69
N GLY B 277 -4.90 -2.99 -13.05
CA GLY B 277 -5.58 -4.27 -13.00
C GLY B 277 -6.82 -4.25 -12.13
N ILE B 278 -7.71 -5.19 -12.41
CA ILE B 278 -8.96 -5.34 -11.67
C ILE B 278 -8.74 -6.28 -10.50
N THR B 279 -9.18 -5.87 -9.31
CA THR B 279 -9.00 -6.64 -8.10
C THR B 279 -10.27 -7.29 -7.58
N SER B 280 -11.44 -6.82 -8.02
CA SER B 280 -12.71 -7.38 -7.57
C SER B 280 -13.74 -7.21 -8.68
N VAL B 281 -14.63 -8.19 -8.78
CA VAL B 281 -15.68 -8.21 -9.80
C VAL B 281 -16.97 -8.71 -9.17
N SER B 282 -18.08 -8.04 -9.48
CA SER B 282 -19.37 -8.46 -8.97
C SER B 282 -20.47 -7.98 -9.90
N PHE B 283 -21.60 -8.67 -9.88
CA PHE B 283 -22.75 -8.36 -10.72
C PHE B 283 -23.87 -7.77 -9.89
N SER B 284 -24.85 -7.20 -10.59
CA SER B 284 -26.05 -6.69 -9.94
C SER B 284 -27.11 -7.80 -9.86
N LYS B 285 -28.25 -7.47 -9.26
CA LYS B 285 -29.31 -8.47 -9.10
C LYS B 285 -29.84 -8.94 -10.45
N SER B 286 -30.08 -8.00 -11.36
CA SER B 286 -30.56 -8.36 -12.69
C SER B 286 -29.45 -8.80 -13.62
N GLY B 287 -28.19 -8.61 -13.23
CA GLY B 287 -27.07 -8.92 -14.09
C GLY B 287 -26.76 -7.86 -15.12
N ARG B 288 -27.51 -6.77 -15.17
CA ARG B 288 -27.26 -5.73 -16.17
C ARG B 288 -26.07 -4.86 -15.82
N LEU B 289 -25.73 -4.72 -14.54
CA LEU B 289 -24.60 -3.90 -14.13
C LEU B 289 -23.50 -4.79 -13.57
N LEU B 290 -22.32 -4.71 -14.18
CA LEU B 290 -21.13 -5.40 -13.71
C LEU B 290 -20.24 -4.40 -12.99
N LEU B 291 -20.02 -4.63 -11.70
CA LEU B 291 -19.25 -3.71 -10.88
C LEU B 291 -17.85 -4.29 -10.65
N ALA B 292 -16.83 -3.47 -10.88
CA ALA B 292 -15.45 -3.92 -10.81
C ALA B 292 -14.60 -2.93 -10.04
N GLY B 293 -13.81 -3.44 -9.09
CA GLY B 293 -12.86 -2.61 -8.37
C GLY B 293 -11.51 -2.63 -9.06
N TYR B 294 -10.86 -1.47 -9.11
CA TYR B 294 -9.62 -1.29 -9.84
C TYR B 294 -8.51 -0.85 -8.89
N ASP B 295 -7.29 -0.80 -9.43
CA ASP B 295 -6.13 -0.34 -8.68
C ASP B 295 -5.99 1.17 -8.66
N ASP B 296 -6.75 1.89 -9.49
CA ASP B 296 -6.67 3.35 -9.55
C ASP B 296 -7.47 4.02 -8.44
N PHE B 297 -7.83 3.28 -7.40
CA PHE B 297 -8.45 3.72 -6.15
C PHE B 297 -9.95 3.93 -6.30
N ASN B 298 -10.54 3.64 -7.45
CA ASN B 298 -11.97 3.83 -7.65
C ASN B 298 -12.56 2.64 -8.39
N CYS B 299 -13.86 2.43 -8.19
CA CYS B 299 -14.58 1.34 -8.81
C CYS B 299 -15.35 1.83 -10.04
N ASN B 300 -15.56 0.91 -10.98
CA ASN B 300 -16.32 1.21 -12.19
C ASN B 300 -17.55 0.32 -12.26
N VAL B 301 -18.57 0.82 -12.96
CA VAL B 301 -19.85 0.15 -13.11
C VAL B 301 -20.14 0.12 -14.59
N TRP B 302 -20.05 -1.07 -15.20
CA TRP B 302 -20.27 -1.27 -16.62
C TRP B 302 -21.67 -1.81 -16.87
N ASP B 303 -22.20 -1.51 -18.04
CA ASP B 303 -23.41 -2.17 -18.54
C ASP B 303 -22.98 -3.46 -19.21
N ALA B 304 -23.36 -4.59 -18.62
CA ALA B 304 -22.87 -5.89 -19.08
C ALA B 304 -23.26 -6.17 -20.52
N LEU B 305 -24.40 -5.66 -20.98
CA LEU B 305 -24.85 -5.90 -22.34
C LEU B 305 -24.36 -4.87 -23.34
N LYS B 306 -23.70 -3.80 -22.89
CA LYS B 306 -23.25 -2.73 -23.78
C LYS B 306 -21.76 -2.47 -23.73
N ALA B 307 -21.05 -2.88 -22.68
CA ALA B 307 -19.61 -2.67 -22.54
C ALA B 307 -19.26 -1.19 -22.59
N ASP B 308 -19.77 -0.46 -21.60
CA ASP B 308 -19.44 0.96 -21.45
C ASP B 308 -19.51 1.33 -19.98
N ARG B 309 -18.82 2.40 -19.62
CA ARG B 309 -18.75 2.86 -18.24
C ARG B 309 -20.05 3.60 -17.91
N ALA B 310 -20.97 2.90 -17.23
CA ALA B 310 -22.23 3.52 -16.83
C ALA B 310 -22.14 4.22 -15.49
N GLY B 311 -21.09 3.98 -14.70
CA GLY B 311 -20.96 4.66 -13.43
C GLY B 311 -19.56 4.55 -12.87
N VAL B 312 -19.25 5.47 -11.96
CA VAL B 312 -17.95 5.51 -11.29
C VAL B 312 -18.18 5.75 -9.80
N LEU B 313 -17.49 4.97 -8.97
CA LEU B 313 -17.52 5.15 -7.51
C LEU B 313 -16.13 5.58 -7.05
N ALA B 314 -16.03 6.80 -6.56
CA ALA B 314 -14.79 7.35 -6.04
C ALA B 314 -14.99 7.77 -4.59
N GLY B 315 -13.91 7.77 -3.83
CA GLY B 315 -13.98 8.09 -2.43
C GLY B 315 -13.06 7.24 -1.58
N HIS B 316 -12.37 6.30 -2.21
CA HIS B 316 -11.40 5.45 -1.54
C HIS B 316 -10.00 6.02 -1.77
N ASP B 317 -9.25 6.15 -0.68
CA ASP B 317 -7.91 6.73 -0.75
C ASP B 317 -6.82 5.73 -1.10
N ASN B 318 -7.18 4.46 -1.31
CA ASN B 318 -6.22 3.44 -1.71
C ASN B 318 -6.90 2.48 -2.67
N ARG B 319 -6.16 1.47 -3.13
CA ARG B 319 -6.71 0.52 -4.08
C ARG B 319 -7.90 -0.21 -3.50
N VAL B 320 -8.94 -0.38 -4.32
CA VAL B 320 -10.11 -1.16 -3.89
C VAL B 320 -9.76 -2.64 -3.97
N SER B 321 -9.94 -3.33 -2.85
CA SER B 321 -9.57 -4.74 -2.75
C SER B 321 -10.74 -5.69 -2.82
N CYS B 322 -11.89 -5.33 -2.26
CA CYS B 322 -13.05 -6.22 -2.21
C CYS B 322 -14.31 -5.47 -2.58
N LEU B 323 -15.26 -6.20 -3.16
CA LEU B 323 -16.49 -5.61 -3.67
C LEU B 323 -17.60 -6.64 -3.58
N GLY B 324 -18.79 -6.20 -3.17
CA GLY B 324 -19.89 -7.13 -2.99
C GLY B 324 -21.22 -6.46 -3.22
N VAL B 325 -22.20 -7.26 -3.61
CA VAL B 325 -23.57 -6.80 -3.89
C VAL B 325 -24.53 -7.67 -3.09
N THR B 326 -25.55 -7.05 -2.50
CA THR B 326 -26.47 -7.76 -1.64
C THR B 326 -27.30 -8.76 -2.45
N ASP B 327 -27.90 -9.71 -1.72
CA ASP B 327 -28.74 -10.71 -2.36
C ASP B 327 -29.98 -10.10 -2.98
N ASP B 328 -30.58 -9.11 -2.31
CA ASP B 328 -31.70 -8.38 -2.89
C ASP B 328 -31.24 -7.27 -3.81
N GLY B 329 -29.93 -7.04 -3.93
CA GLY B 329 -29.43 -6.01 -4.80
C GLY B 329 -29.57 -4.60 -4.29
N MET B 330 -29.97 -4.42 -3.04
CA MET B 330 -30.30 -3.09 -2.54
C MET B 330 -29.08 -2.20 -2.37
N ALA B 331 -27.93 -2.77 -2.02
CA ALA B 331 -26.75 -1.96 -1.74
C ALA B 331 -25.50 -2.66 -2.27
N VAL B 332 -24.44 -1.88 -2.46
CA VAL B 332 -23.16 -2.37 -2.93
C VAL B 332 -22.07 -1.90 -1.98
N ALA B 333 -21.27 -2.83 -1.48
CA ALA B 333 -20.22 -2.50 -0.51
C ALA B 333 -18.85 -2.63 -1.15
N THR B 334 -17.98 -1.65 -0.88
CA THR B 334 -16.62 -1.61 -1.39
C THR B 334 -15.65 -1.48 -0.22
N GLY B 335 -14.63 -2.34 -0.21
CA GLY B 335 -13.58 -2.23 0.79
C GLY B 335 -12.23 -2.07 0.14
N SER B 336 -11.44 -1.13 0.62
CA SER B 336 -10.16 -0.79 0.01
C SER B 336 -9.05 -0.87 1.07
N TRP B 337 -7.85 -0.44 0.68
CA TRP B 337 -6.69 -0.54 1.54
C TRP B 337 -6.54 0.64 2.51
N ASP B 338 -7.45 1.62 2.47
CA ASP B 338 -7.43 2.71 3.42
C ASP B 338 -8.16 2.40 4.71
N SER B 339 -8.41 1.12 4.99
CA SER B 339 -9.04 0.64 6.22
C SER B 339 -10.49 1.09 6.37
N PHE B 340 -11.14 1.48 5.27
CA PHE B 340 -12.51 1.94 5.29
C PHE B 340 -13.35 1.14 4.33
N LEU B 341 -14.57 0.81 4.73
CA LEU B 341 -15.52 0.09 3.90
C LEU B 341 -16.75 0.97 3.72
N LYS B 342 -17.23 1.08 2.49
CA LYS B 342 -18.30 2.00 2.12
C LYS B 342 -19.50 1.26 1.57
N ILE B 343 -20.68 1.80 1.85
CA ILE B 343 -21.94 1.28 1.35
C ILE B 343 -22.50 2.27 0.34
N TRP B 344 -22.96 1.78 -0.80
CA TRP B 344 -23.45 2.62 -1.89
C TRP B 344 -24.84 2.18 -2.29
N ASN B 345 -25.69 3.16 -2.58
CA ASN B 345 -27.04 2.90 -3.07
C ASN B 345 -27.62 4.14 -3.73
N ALA C 7 7.32 -39.43 -14.89
CA ALA C 7 7.91 -38.14 -15.22
C ALA C 7 6.88 -37.23 -15.89
N SER C 8 7.33 -36.46 -16.89
CA SER C 8 6.44 -35.56 -17.61
C SER C 8 5.47 -36.32 -18.52
N ILE C 9 5.71 -37.60 -18.76
CA ILE C 9 4.82 -38.38 -19.62
C ILE C 9 3.43 -38.47 -19.03
N ALA C 10 3.35 -38.74 -17.72
CA ALA C 10 2.05 -38.82 -17.06
C ALA C 10 1.33 -37.48 -17.08
N GLN C 11 2.04 -36.39 -16.83
CA GLN C 11 1.42 -35.07 -16.86
C GLN C 11 0.91 -34.73 -18.25
N ALA C 12 1.69 -35.03 -19.29
CA ALA C 12 1.26 -34.77 -20.65
C ALA C 12 0.05 -35.63 -21.02
N ARG C 13 0.04 -36.90 -20.58
CA ARG C 13 -1.11 -37.75 -20.84
C ARG C 13 -2.36 -37.23 -20.15
N LYS C 14 -2.23 -36.76 -18.91
CA LYS C 14 -3.38 -36.18 -18.22
C LYS C 14 -3.87 -34.92 -18.93
N LEU C 15 -2.93 -34.08 -19.39
CA LEU C 15 -3.31 -32.85 -20.08
C LEU C 15 -4.05 -33.16 -21.37
N VAL C 16 -3.54 -34.11 -22.17
CA VAL C 16 -4.21 -34.41 -23.43
C VAL C 16 -5.55 -35.10 -23.19
N GLU C 17 -5.65 -35.92 -22.15
CA GLU C 17 -6.94 -36.54 -21.82
C GLU C 17 -7.96 -35.48 -21.42
N GLN C 18 -7.55 -34.51 -20.60
CA GLN C 18 -8.45 -33.44 -20.22
C GLN C 18 -8.86 -32.60 -21.42
N LEU C 19 -7.92 -32.30 -22.31
CA LEU C 19 -8.23 -31.53 -23.51
C LEU C 19 -9.21 -32.28 -24.40
N LYS C 20 -9.00 -33.59 -24.58
CA LYS C 20 -9.91 -34.39 -25.40
C LYS C 20 -11.29 -34.46 -24.79
N MET C 21 -11.37 -34.63 -23.46
CA MET C 21 -12.67 -34.68 -22.80
C MET C 21 -13.40 -33.34 -22.91
N GLU C 22 -12.68 -32.23 -22.80
CA GLU C 22 -13.30 -30.92 -22.91
C GLU C 22 -13.59 -30.53 -24.35
N ALA C 23 -12.98 -31.21 -25.33
CA ALA C 23 -13.19 -30.85 -26.72
C ALA C 23 -14.59 -31.21 -27.21
N ASN C 24 -15.07 -32.41 -26.86
CA ASN C 24 -16.35 -32.91 -27.37
C ASN C 24 -17.46 -32.54 -26.40
N ILE C 25 -18.05 -31.36 -26.60
CA ILE C 25 -19.19 -30.91 -25.83
C ILE C 25 -20.22 -30.32 -26.77
N ASP C 26 -21.47 -30.26 -26.31
CA ASP C 26 -22.59 -29.75 -27.10
C ASP C 26 -22.60 -28.23 -27.03
N ARG C 27 -21.79 -27.61 -27.90
CA ARG C 27 -21.72 -26.16 -27.94
C ARG C 27 -22.89 -25.59 -28.74
N ILE C 28 -23.28 -24.36 -28.38
CA ILE C 28 -24.40 -23.69 -29.01
C ILE C 28 -23.92 -22.35 -29.54
N LYS C 29 -24.66 -21.81 -30.51
CA LYS C 29 -24.26 -20.58 -31.18
C LYS C 29 -24.23 -19.41 -30.20
N VAL C 30 -23.32 -18.47 -30.45
CA VAL C 30 -23.15 -17.31 -29.59
C VAL C 30 -24.41 -16.44 -29.57
N SER C 31 -25.16 -16.45 -30.68
CA SER C 31 -26.38 -15.65 -30.75
C SER C 31 -27.40 -16.12 -29.72
N LYS C 32 -27.51 -17.43 -29.52
CA LYS C 32 -28.43 -17.95 -28.50
C LYS C 32 -28.05 -17.48 -27.11
N ALA C 33 -26.75 -17.51 -26.79
CA ALA C 33 -26.30 -17.03 -25.48
C ALA C 33 -26.56 -15.54 -25.31
N ALA C 34 -26.33 -14.75 -26.36
CA ALA C 34 -26.61 -13.32 -26.30
C ALA C 34 -28.10 -13.07 -26.06
N ALA C 35 -28.95 -13.80 -26.78
CA ALA C 35 -30.39 -13.65 -26.60
C ALA C 35 -30.83 -14.05 -25.20
N ASP C 36 -30.24 -15.13 -24.66
CA ASP C 36 -30.59 -15.55 -23.31
C ASP C 36 -30.19 -14.50 -22.28
N LEU C 37 -28.99 -13.92 -22.44
CA LEU C 37 -28.56 -12.87 -21.51
C LEU C 37 -29.47 -11.65 -21.60
N MET C 38 -29.84 -11.26 -22.83
CA MET C 38 -30.76 -10.13 -22.99
C MET C 38 -32.09 -10.40 -22.34
N ALA C 39 -32.63 -11.61 -22.52
CA ALA C 39 -33.91 -11.96 -21.93
C ALA C 39 -33.84 -11.94 -20.41
N TYR C 40 -32.77 -12.48 -19.83
CA TYR C 40 -32.63 -12.47 -18.38
C TYR C 40 -32.50 -11.04 -17.86
N CYS C 41 -31.74 -10.20 -18.56
CA CYS C 41 -31.59 -8.82 -18.12
C CYS C 41 -32.91 -8.06 -18.16
N GLU C 42 -33.69 -8.28 -19.23
CA GLU C 42 -34.96 -7.57 -19.35
C GLU C 42 -36.01 -8.13 -18.38
N ALA C 43 -35.90 -9.41 -18.00
CA ALA C 43 -36.89 -10.01 -17.12
C ALA C 43 -36.85 -9.40 -15.72
N HIS C 44 -35.64 -9.15 -15.20
CA HIS C 44 -35.46 -8.68 -13.83
C HIS C 44 -35.13 -7.20 -13.75
N ALA C 45 -35.45 -6.42 -14.78
CA ALA C 45 -35.15 -5.00 -14.76
C ALA C 45 -35.94 -4.27 -13.67
N LYS C 46 -37.21 -4.63 -13.49
CA LYS C 46 -38.04 -3.94 -12.51
C LYS C 46 -37.59 -4.23 -11.08
N GLU C 47 -37.10 -5.44 -10.83
CA GLU C 47 -36.70 -5.85 -9.49
C GLU C 47 -35.28 -5.46 -9.13
N ASP C 48 -34.57 -4.79 -10.04
CA ASP C 48 -33.19 -4.36 -9.77
C ASP C 48 -33.20 -2.92 -9.30
N PRO C 49 -32.92 -2.64 -8.02
CA PRO C 49 -32.91 -1.24 -7.57
C PRO C 49 -31.79 -0.42 -8.18
N LEU C 50 -30.74 -1.08 -8.71
CA LEU C 50 -29.66 -0.33 -9.34
C LEU C 50 -30.08 0.27 -10.67
N LEU C 51 -30.75 -0.51 -11.52
CA LEU C 51 -31.25 0.03 -12.78
C LEU C 51 -32.30 1.11 -12.55
N THR C 52 -33.25 0.84 -11.65
CA THR C 52 -34.28 1.81 -11.29
C THR C 52 -34.10 2.18 -9.83
N PRO C 53 -33.48 3.34 -9.53
CA PRO C 53 -33.32 3.77 -8.14
C PRO C 53 -34.58 3.65 -7.31
N VAL C 54 -34.51 2.89 -6.23
CA VAL C 54 -35.67 2.65 -5.37
C VAL C 54 -36.10 3.97 -4.72
N PRO C 55 -37.39 4.22 -4.56
CA PRO C 55 -37.82 5.43 -3.84
C PRO C 55 -37.27 5.45 -2.42
N ALA C 56 -36.95 6.66 -1.95
CA ALA C 56 -36.33 6.82 -0.64
C ALA C 56 -37.25 6.39 0.50
N SER C 57 -38.55 6.26 0.24
CA SER C 57 -39.48 5.84 1.30
C SER C 57 -39.16 4.43 1.77
N GLU C 58 -38.84 3.52 0.84
CA GLU C 58 -38.49 2.15 1.16
C GLU C 58 -37.01 1.86 0.94
N ASN C 59 -36.16 2.85 1.18
CA ASN C 59 -34.72 2.67 1.03
C ASN C 59 -34.10 2.54 2.41
N PRO C 60 -33.62 1.35 2.80
CA PRO C 60 -33.10 1.19 4.17
C PRO C 60 -31.84 1.99 4.45
N PHE C 61 -31.12 2.44 3.43
CA PHE C 61 -29.86 3.15 3.61
C PHE C 61 -30.02 4.66 3.45
N ARG C 62 -31.26 5.16 3.47
CA ARG C 62 -31.51 6.60 3.40
C ARG C 62 -30.91 7.32 4.59
N GLN D 1 -5.31 -16.86 -25.41
CA GLN D 1 -4.32 -17.87 -25.11
C GLN D 1 -2.90 -17.34 -25.30
N VAL D 2 -2.22 -17.08 -24.18
CA VAL D 2 -0.84 -16.62 -24.23
C VAL D 2 0.04 -17.71 -24.81
N GLN D 3 0.87 -17.35 -25.79
CA GLN D 3 1.72 -18.33 -26.45
C GLN D 3 3.05 -17.68 -26.82
N LEU D 4 4.15 -18.37 -26.50
CA LEU D 4 5.50 -17.93 -26.82
C LEU D 4 6.25 -19.12 -27.41
N GLN D 5 6.67 -19.01 -28.67
CA GLN D 5 7.34 -20.09 -29.38
C GLN D 5 8.77 -19.67 -29.72
N GLU D 6 9.73 -20.52 -29.37
CA GLU D 6 11.14 -20.26 -29.63
C GLU D 6 11.63 -21.08 -30.82
N SER D 7 12.60 -20.53 -31.54
CA SER D 7 13.21 -21.23 -32.65
C SER D 7 14.61 -20.67 -32.87
N GLY D 8 15.40 -21.41 -33.64
CA GLY D 8 16.74 -20.98 -33.98
C GLY D 8 17.86 -21.65 -33.23
N GLY D 9 17.57 -22.67 -32.42
CA GLY D 9 18.61 -23.40 -31.71
C GLY D 9 19.31 -24.40 -32.61
N GLY D 10 20.22 -25.15 -32.01
CA GLY D 10 20.95 -26.17 -32.72
C GLY D 10 22.34 -26.32 -32.15
N LEU D 11 23.21 -26.96 -32.92
CA LEU D 11 24.58 -27.25 -32.52
C LEU D 11 25.54 -26.34 -33.28
N VAL D 12 26.45 -25.71 -32.55
CA VAL D 12 27.44 -24.80 -33.13
C VAL D 12 28.78 -25.05 -32.46
N GLN D 13 29.86 -24.92 -33.24
CA GLN D 13 31.19 -25.06 -32.70
C GLN D 13 31.51 -23.89 -31.78
N PRO D 14 32.43 -24.08 -30.84
CA PRO D 14 32.81 -22.97 -29.95
C PRO D 14 33.32 -21.77 -30.74
N GLY D 15 32.96 -20.58 -30.27
CA GLY D 15 33.30 -19.36 -30.98
C GLY D 15 32.36 -18.98 -32.10
N GLY D 16 31.28 -19.75 -32.30
CA GLY D 16 30.34 -19.47 -33.37
C GLY D 16 29.32 -18.43 -32.97
N SER D 17 28.26 -18.36 -33.77
CA SER D 17 27.16 -17.42 -33.54
C SER D 17 25.84 -18.08 -33.88
N LEU D 18 24.79 -17.67 -33.18
CA LEU D 18 23.45 -18.18 -33.41
C LEU D 18 22.44 -17.05 -33.25
N ARG D 19 21.26 -17.25 -33.82
CA ARG D 19 20.15 -16.32 -33.68
C ARG D 19 18.93 -17.07 -33.17
N LEU D 20 18.35 -16.58 -32.07
CA LEU D 20 17.18 -17.18 -31.47
C LEU D 20 16.00 -16.23 -31.65
N SER D 21 14.94 -16.72 -32.27
CA SER D 21 13.73 -15.95 -32.52
C SER D 21 12.62 -16.43 -31.60
N CYS D 22 11.80 -15.49 -31.14
CA CYS D 22 10.74 -15.75 -30.18
C CYS D 22 9.48 -15.07 -30.68
N ALA D 23 8.49 -15.87 -31.07
CA ALA D 23 7.23 -15.36 -31.60
C ALA D 23 6.17 -15.40 -30.50
N ALA D 24 5.48 -14.28 -30.33
CA ALA D 24 4.47 -14.13 -29.29
C ALA D 24 3.09 -14.00 -29.94
N SER D 25 2.10 -14.64 -29.32
CA SER D 25 0.73 -14.56 -29.83
C SER D 25 -0.24 -14.62 -28.65
N GLY D 26 -1.42 -14.04 -28.85
CA GLY D 26 -2.45 -14.03 -27.86
C GLY D 26 -2.48 -12.81 -26.96
N PHE D 27 -1.65 -11.80 -27.23
CA PHE D 27 -1.56 -10.63 -26.37
C PHE D 27 -0.75 -9.56 -27.07
N THR D 28 -0.89 -8.32 -26.59
CA THR D 28 -0.15 -7.20 -27.15
C THR D 28 1.31 -7.25 -26.68
N PHE D 29 2.23 -7.04 -27.63
CA PHE D 29 3.65 -7.22 -27.34
C PHE D 29 4.31 -5.99 -26.72
N SER D 30 3.84 -4.80 -27.08
CA SER D 30 4.55 -3.57 -26.75
C SER D 30 4.20 -3.00 -25.38
N ASN D 31 3.31 -3.65 -24.62
CA ASN D 31 2.80 -3.08 -23.39
C ASN D 31 3.46 -3.65 -22.14
N TYR D 32 4.56 -4.39 -22.28
CA TYR D 32 5.14 -5.08 -21.14
C TYR D 32 6.61 -5.34 -21.42
N LYS D 33 7.25 -6.10 -20.53
CA LYS D 33 8.69 -6.32 -20.53
C LYS D 33 9.03 -7.75 -20.97
N MET D 34 10.02 -7.89 -21.85
CA MET D 34 10.49 -9.18 -22.31
C MET D 34 11.82 -9.54 -21.66
N ASN D 35 12.14 -10.83 -21.64
CA ASN D 35 13.46 -11.23 -21.20
C ASN D 35 13.78 -12.65 -21.65
N TRP D 36 15.06 -12.98 -21.59
CA TRP D 36 15.60 -14.29 -21.96
C TRP D 36 16.22 -14.92 -20.73
N VAL D 37 15.87 -16.18 -20.48
CA VAL D 37 16.46 -16.97 -19.40
C VAL D 37 16.97 -18.28 -20.00
N ARG D 38 17.77 -19.00 -19.23
CA ARG D 38 18.32 -20.26 -19.71
C ARG D 38 18.42 -21.26 -18.58
N GLN D 39 18.41 -22.54 -18.94
CA GLN D 39 18.47 -23.65 -18.00
C GLN D 39 19.48 -24.66 -18.52
N ALA D 40 20.55 -24.86 -17.79
CA ALA D 40 21.66 -25.71 -18.20
C ALA D 40 21.74 -26.95 -17.31
N PRO D 41 22.51 -27.96 -17.73
CA PRO D 41 22.83 -29.06 -16.82
C PRO D 41 23.44 -28.52 -15.53
N GLY D 42 23.10 -29.15 -14.42
CA GLY D 42 23.27 -28.48 -13.14
C GLY D 42 22.01 -27.68 -12.85
N LYS D 43 20.88 -28.39 -12.76
CA LYS D 43 19.53 -27.85 -12.77
C LYS D 43 19.41 -26.52 -12.04
N GLY D 44 18.89 -25.53 -12.76
CA GLY D 44 18.64 -24.22 -12.22
C GLY D 44 18.27 -23.21 -13.30
N LEU D 45 17.27 -22.40 -13.05
CA LEU D 45 16.85 -21.37 -13.99
C LEU D 45 17.57 -20.07 -13.65
N GLU D 46 18.31 -19.53 -14.62
CA GLU D 46 19.06 -18.31 -14.42
C GLU D 46 18.64 -17.26 -15.43
N TRP D 47 18.52 -16.02 -14.96
CA TRP D 47 18.15 -14.90 -15.84
C TRP D 47 19.35 -14.51 -16.70
N VAL D 48 19.12 -14.39 -18.01
CA VAL D 48 20.20 -14.06 -18.93
C VAL D 48 20.17 -12.58 -19.26
N SER D 49 19.04 -12.09 -19.78
CA SER D 49 18.97 -10.70 -20.19
C SER D 49 17.52 -10.24 -20.15
N ASP D 50 17.32 -8.93 -20.18
CA ASP D 50 15.97 -8.38 -20.22
C ASP D 50 15.92 -7.09 -21.02
N ILE D 51 14.75 -6.82 -21.60
CA ILE D 51 14.51 -5.64 -22.42
C ILE D 51 13.13 -5.10 -22.09
N SER D 52 13.02 -3.78 -22.01
CA SER D 52 11.80 -3.10 -21.58
C SER D 52 10.81 -3.01 -22.73
N GLN D 53 9.76 -2.21 -22.54
CA GLN D 53 8.69 -2.10 -23.54
C GLN D 53 9.22 -1.55 -24.86
N SER D 54 9.71 -0.32 -24.85
CA SER D 54 10.16 0.31 -26.09
C SER D 54 11.45 -0.33 -26.59
N GLY D 55 12.28 -0.83 -25.68
CA GLY D 55 13.56 -1.40 -26.04
C GLY D 55 14.75 -0.50 -25.78
N ALA D 56 14.55 0.67 -25.18
CA ALA D 56 15.67 1.56 -24.89
C ALA D 56 16.52 1.02 -23.75
N SER D 57 15.89 0.54 -22.68
CA SER D 57 16.61 0.01 -21.52
C SER D 57 16.77 -1.49 -21.69
N ILE D 58 18.02 -1.93 -21.81
CA ILE D 58 18.36 -3.36 -21.90
C ILE D 58 19.39 -3.66 -20.84
N SER D 59 19.28 -4.84 -20.21
CA SER D 59 20.24 -5.24 -19.20
C SER D 59 20.66 -6.70 -19.42
N TYR D 60 21.91 -6.98 -19.07
CA TYR D 60 22.53 -8.27 -19.31
C TYR D 60 23.06 -8.83 -18.01
N THR D 61 23.23 -10.16 -17.98
CA THR D 61 23.94 -10.77 -16.87
C THR D 61 25.44 -10.60 -17.06
N GLY D 62 26.18 -10.76 -15.96
CA GLY D 62 27.62 -10.54 -16.02
C GLY D 62 28.35 -11.51 -16.91
N SER D 63 27.89 -12.77 -16.97
CA SER D 63 28.61 -13.79 -17.72
C SER D 63 28.61 -13.52 -19.22
N VAL D 64 27.50 -13.02 -19.76
CA VAL D 64 27.36 -12.84 -21.21
C VAL D 64 27.48 -11.38 -21.62
N LYS D 65 27.83 -10.49 -20.70
CA LYS D 65 27.93 -9.08 -21.02
C LYS D 65 29.03 -8.85 -22.05
N GLY D 66 28.71 -8.07 -23.09
CA GLY D 66 29.62 -7.85 -24.18
C GLY D 66 29.67 -8.96 -25.20
N ARG D 67 28.88 -10.02 -25.02
CA ARG D 67 28.88 -11.16 -25.91
C ARG D 67 27.54 -11.41 -26.59
N PHE D 68 26.43 -11.02 -25.98
CA PHE D 68 25.09 -11.25 -26.51
C PHE D 68 24.42 -9.94 -26.85
N THR D 69 23.50 -9.99 -27.81
CA THR D 69 22.70 -8.84 -28.20
C THR D 69 21.22 -9.22 -28.13
N ILE D 70 20.39 -8.31 -27.67
CA ILE D 70 18.96 -8.55 -27.54
C ILE D 70 18.21 -7.47 -28.30
N SER D 71 17.09 -7.86 -28.91
CA SER D 71 16.28 -6.91 -29.66
C SER D 71 14.83 -7.36 -29.61
N ARG D 72 13.93 -6.41 -29.87
CA ARG D 72 12.50 -6.72 -29.94
C ARG D 72 11.89 -5.93 -31.08
N ASP D 73 10.96 -6.56 -31.79
CA ASP D 73 10.22 -5.92 -32.88
C ASP D 73 8.74 -6.07 -32.56
N ASN D 74 8.13 -4.97 -32.13
CA ASN D 74 6.72 -5.00 -31.78
C ASN D 74 5.83 -5.09 -33.02
N ALA D 75 6.32 -4.63 -34.16
CA ALA D 75 5.55 -4.75 -35.40
C ALA D 75 5.30 -6.20 -35.76
N LYS D 76 6.34 -7.03 -35.67
CA LYS D 76 6.23 -8.45 -35.97
C LYS D 76 6.00 -9.31 -34.73
N ASN D 77 5.80 -8.69 -33.57
CA ASN D 77 5.45 -9.41 -32.34
C ASN D 77 6.53 -10.42 -31.96
N THR D 78 7.80 -10.01 -32.04
CA THR D 78 8.89 -10.95 -31.95
C THR D 78 10.04 -10.42 -31.11
N LEU D 79 10.85 -11.35 -30.60
CA LEU D 79 12.05 -11.06 -29.83
C LEU D 79 13.23 -11.80 -30.44
N TYR D 80 14.40 -11.16 -30.44
CA TYR D 80 15.61 -11.74 -31.02
C TYR D 80 16.75 -11.75 -30.00
N LEU D 81 17.50 -12.84 -30.00
CA LEU D 81 18.73 -12.97 -29.22
C LEU D 81 19.86 -13.40 -30.15
N GLN D 82 20.86 -12.54 -30.29
CA GLN D 82 22.03 -12.82 -31.11
C GLN D 82 23.18 -13.25 -30.19
N MET D 83 23.69 -14.45 -30.41
CA MET D 83 24.70 -15.07 -29.56
C MET D 83 26.01 -15.15 -30.33
N ASN D 84 27.06 -14.53 -29.79
CA ASN D 84 28.34 -14.41 -30.46
C ASN D 84 29.44 -15.06 -29.63
N SER D 85 30.34 -15.78 -30.30
CA SER D 85 31.50 -16.39 -29.68
C SER D 85 31.08 -17.34 -28.55
N LEU D 86 30.38 -18.40 -28.96
CA LEU D 86 29.87 -19.38 -28.01
C LEU D 86 31.00 -20.07 -27.26
N LYS D 87 30.72 -20.44 -26.02
CA LYS D 87 31.66 -21.08 -25.12
C LYS D 87 31.05 -22.37 -24.63
N PRO D 88 31.88 -23.33 -24.19
CA PRO D 88 31.35 -24.66 -23.84
C PRO D 88 30.32 -24.66 -22.73
N GLU D 89 30.31 -23.66 -21.85
CA GLU D 89 29.35 -23.65 -20.74
C GLU D 89 28.03 -22.98 -21.09
N ASP D 90 27.82 -22.59 -22.35
CA ASP D 90 26.58 -21.96 -22.77
C ASP D 90 25.53 -22.96 -23.23
N THR D 91 25.82 -24.25 -23.20
CA THR D 91 24.85 -25.26 -23.61
C THR D 91 23.68 -25.28 -22.63
N ALA D 92 22.49 -24.97 -23.11
CA ALA D 92 21.32 -24.87 -22.24
C ALA D 92 20.06 -24.81 -23.09
N VAL D 93 18.92 -24.97 -22.42
CA VAL D 93 17.62 -24.69 -23.03
C VAL D 93 17.28 -23.24 -22.74
N TYR D 94 17.04 -22.46 -23.78
CA TYR D 94 16.76 -21.04 -23.64
C TYR D 94 15.25 -20.81 -23.70
N TYR D 95 14.75 -20.07 -22.72
CA TYR D 95 13.34 -19.76 -22.60
C TYR D 95 13.12 -18.26 -22.81
N CYS D 96 12.20 -17.93 -23.70
CA CYS D 96 11.76 -16.56 -23.94
C CYS D 96 10.62 -16.26 -22.99
N ALA D 97 10.90 -15.52 -21.92
CA ALA D 97 9.93 -15.33 -20.87
C ALA D 97 9.51 -13.86 -20.78
N ARG D 98 8.45 -13.63 -20.01
CA ARG D 98 7.97 -12.27 -19.76
C ARG D 98 7.16 -12.28 -18.48
N CYS D 99 7.43 -11.31 -17.62
CA CYS D 99 6.65 -11.16 -16.40
C CYS D 99 5.32 -10.46 -16.68
N PRO D 100 4.28 -10.81 -15.91
CA PRO D 100 2.90 -10.62 -16.39
C PRO D 100 2.43 -9.18 -16.52
N ALA D 101 2.60 -8.40 -15.46
CA ALA D 101 1.95 -7.11 -15.37
C ALA D 101 2.38 -6.19 -16.51
N PRO D 102 1.46 -5.64 -17.29
CA PRO D 102 1.83 -4.61 -18.26
C PRO D 102 2.07 -3.27 -17.57
N PHE D 103 2.87 -2.44 -18.23
CA PHE D 103 3.17 -1.08 -17.76
C PHE D 103 3.76 -1.09 -16.34
N THR D 104 4.71 -1.98 -16.10
CA THR D 104 5.37 -2.05 -14.80
C THR D 104 6.88 -2.16 -14.98
N ARG D 105 7.60 -1.70 -13.96
CA ARG D 105 9.06 -1.79 -13.96
C ARG D 105 9.56 -3.03 -13.25
N ASP D 106 8.85 -3.50 -12.22
CA ASP D 106 9.20 -4.75 -11.56
C ASP D 106 8.95 -5.93 -12.50
N CYS D 107 9.61 -7.05 -12.20
CA CYS D 107 9.50 -8.22 -13.08
C CYS D 107 9.74 -9.45 -12.21
N PHE D 108 8.65 -10.07 -11.74
CA PHE D 108 8.72 -11.16 -10.78
C PHE D 108 8.66 -12.54 -11.44
N ASP D 109 9.30 -13.50 -10.78
CA ASP D 109 9.08 -14.94 -10.99
C ASP D 109 9.32 -15.38 -12.42
N VAL D 110 10.17 -14.68 -13.16
CA VAL D 110 10.50 -15.11 -14.51
C VAL D 110 11.24 -16.43 -14.48
N THR D 111 12.20 -16.59 -13.55
CA THR D 111 12.99 -17.80 -13.43
C THR D 111 12.33 -18.84 -12.53
N SER D 112 11.02 -18.76 -12.33
CA SER D 112 10.35 -19.71 -11.47
C SER D 112 10.30 -21.09 -12.12
N THR D 113 10.05 -22.11 -11.29
CA THR D 113 10.09 -23.48 -11.77
C THR D 113 8.92 -23.78 -12.71
N THR D 114 7.73 -23.28 -12.40
CA THR D 114 6.52 -23.62 -13.13
C THR D 114 5.82 -22.35 -13.60
N TYR D 115 6.57 -21.49 -14.26
CA TYR D 115 6.03 -20.25 -14.79
C TYR D 115 5.00 -20.53 -15.89
N ALA D 116 4.00 -19.65 -15.97
CA ALA D 116 2.90 -19.83 -16.91
C ALA D 116 3.13 -19.13 -18.24
N TYR D 117 3.71 -17.93 -18.22
CA TYR D 117 3.94 -17.15 -19.43
C TYR D 117 5.35 -17.32 -19.98
N ARG D 118 5.93 -18.50 -19.84
CA ARG D 118 7.25 -18.82 -20.37
C ARG D 118 7.11 -19.81 -21.51
N GLY D 119 7.93 -19.63 -22.54
CA GLY D 119 7.86 -20.50 -23.69
C GLY D 119 8.42 -21.88 -23.43
N GLN D 120 8.31 -22.75 -24.44
CA GLN D 120 8.82 -24.11 -24.32
C GLN D 120 10.34 -24.15 -24.34
N GLY D 121 10.97 -23.14 -24.94
CA GLY D 121 12.41 -23.07 -24.99
C GLY D 121 13.01 -23.88 -26.14
N THR D 122 14.26 -23.56 -26.46
CA THR D 122 14.98 -24.23 -27.52
C THR D 122 16.36 -24.64 -27.04
N GLN D 123 16.84 -25.78 -27.55
CA GLN D 123 18.13 -26.30 -27.16
C GLN D 123 19.26 -25.58 -27.88
N VAL D 124 20.32 -25.25 -27.15
CA VAL D 124 21.53 -24.67 -27.71
C VAL D 124 22.70 -25.46 -27.14
N THR D 125 23.35 -26.25 -27.98
CA THR D 125 24.46 -27.09 -27.57
C THR D 125 25.70 -26.76 -28.40
N VAL D 126 26.86 -26.91 -27.77
CA VAL D 126 28.13 -26.63 -28.44
C VAL D 126 29.09 -27.79 -28.26
N SER E 113 10.68 62.03 11.31
CA SER E 113 9.77 62.41 12.38
C SER E 113 9.01 61.18 12.89
N PRO E 114 8.74 61.14 14.20
CA PRO E 114 8.12 59.94 14.77
C PRO E 114 6.74 59.60 14.21
N GLU E 115 5.91 60.60 13.89
CA GLU E 115 4.49 60.33 13.69
C GLU E 115 4.24 59.45 12.46
N GLU E 116 4.94 59.72 11.36
CA GLU E 116 4.72 58.90 10.17
C GLU E 116 5.28 57.50 10.35
N GLN E 117 6.38 57.36 11.10
CA GLN E 117 6.89 56.03 11.41
C GLN E 117 5.88 55.23 12.23
N LEU E 118 5.29 55.86 13.25
CA LEU E 118 4.29 55.17 14.06
C LEU E 118 3.06 54.82 13.23
N LEU E 119 2.65 55.70 12.33
CA LEU E 119 1.52 55.40 11.45
C LEU E 119 1.83 54.19 10.55
N PHE E 120 3.04 54.15 9.99
CA PHE E 120 3.42 53.04 9.13
C PHE E 120 3.45 51.73 9.91
N LEU E 121 4.01 51.75 11.12
CA LEU E 121 4.00 50.56 11.96
C LEU E 121 2.59 50.13 12.31
N TYR E 122 1.70 51.07 12.63
CA TYR E 122 0.33 50.70 12.96
C TYR E 122 -0.37 50.07 11.78
N ILE E 123 -0.21 50.64 10.58
CA ILE E 123 -0.92 50.10 9.43
C ILE E 123 -0.36 48.73 9.04
N ILE E 124 0.95 48.56 9.10
CA ILE E 124 1.52 47.24 8.78
C ILE E 124 1.12 46.21 9.84
N TYR E 125 1.01 46.64 11.10
CA TYR E 125 0.56 45.77 12.17
C TYR E 125 -0.86 45.27 11.92
N THR E 126 -1.77 46.20 11.62
CA THR E 126 -3.15 45.82 11.35
C THR E 126 -3.26 44.95 10.10
N VAL E 127 -2.51 45.27 9.06
CA VAL E 127 -2.53 44.46 7.84
C VAL E 127 -2.02 43.05 8.14
N GLY E 128 -0.95 42.95 8.92
CA GLY E 128 -0.41 41.64 9.25
C GLY E 128 -1.40 40.78 10.01
N TYR E 129 -2.04 41.35 11.04
CA TYR E 129 -3.05 40.56 11.75
C TYR E 129 -4.27 40.26 10.89
N ALA E 130 -4.68 41.17 10.00
CA ALA E 130 -5.83 40.87 9.15
C ALA E 130 -5.53 39.70 8.21
N LEU E 131 -4.37 39.75 7.55
CA LEU E 131 -3.98 38.65 6.67
C LEU E 131 -3.81 37.35 7.45
N SER E 132 -3.22 37.43 8.65
CA SER E 132 -3.05 36.24 9.47
C SER E 132 -4.40 35.65 9.85
N PHE E 133 -5.33 36.48 10.27
CA PHE E 133 -6.66 35.98 10.66
C PHE E 133 -7.34 35.30 9.49
N SER E 134 -7.29 35.93 8.31
CA SER E 134 -7.94 35.34 7.14
C SER E 134 -7.28 34.01 6.77
N ALA E 135 -5.94 33.98 6.72
CA ALA E 135 -5.23 32.77 6.33
C ALA E 135 -5.46 31.65 7.33
N LEU E 136 -5.47 31.97 8.63
CA LEU E 136 -5.68 30.95 9.65
C LEU E 136 -7.10 30.41 9.61
N VAL E 137 -8.08 31.27 9.36
CA VAL E 137 -9.46 30.79 9.21
C VAL E 137 -9.56 29.84 8.03
N ILE E 138 -8.97 30.22 6.90
CA ILE E 138 -9.00 29.36 5.72
C ILE E 138 -8.31 28.03 6.00
N ALA E 139 -7.15 28.08 6.68
CA ALA E 139 -6.42 26.86 6.98
C ALA E 139 -7.19 25.94 7.91
N SER E 140 -7.83 26.52 8.93
CA SER E 140 -8.64 25.71 9.84
C SER E 140 -9.81 25.06 9.11
N ALA E 141 -10.47 25.82 8.24
CA ALA E 141 -11.56 25.25 7.45
C ALA E 141 -11.06 24.11 6.57
N ILE E 142 -9.90 24.30 5.93
CA ILE E 142 -9.34 23.26 5.07
C ILE E 142 -9.01 22.01 5.88
N LEU E 143 -8.38 22.18 7.05
CA LEU E 143 -7.98 21.03 7.84
C LEU E 143 -9.19 20.28 8.40
N LEU E 144 -10.24 21.00 8.80
CA LEU E 144 -11.41 20.36 9.38
C LEU E 144 -12.44 19.92 8.34
N GLY E 145 -12.26 20.28 7.08
CA GLY E 145 -13.31 20.01 6.10
C GLY E 145 -13.07 18.86 5.14
N PHE E 146 -12.02 18.07 5.34
CA PHE E 146 -11.71 17.01 4.40
C PHE E 146 -11.79 15.60 4.97
N ARG E 147 -11.81 15.45 6.30
CA ARG E 147 -12.08 14.18 6.97
C ARG E 147 -10.94 13.18 6.75
N HIS E 148 -9.96 13.55 5.92
CA HIS E 148 -8.81 12.70 5.65
C HIS E 148 -7.55 13.17 6.36
N LEU E 149 -7.42 14.47 6.58
CA LEU E 149 -6.24 15.02 7.24
C LEU E 149 -6.54 15.24 8.73
N HIS E 150 -6.79 14.12 9.40
CA HIS E 150 -7.20 14.12 10.80
C HIS E 150 -6.24 13.31 11.66
N CYS E 151 -4.95 13.48 11.42
CA CYS E 151 -3.95 12.92 12.32
C CYS E 151 -3.80 13.79 13.56
N THR E 152 -3.16 13.23 14.59
CA THR E 152 -2.94 14.01 15.81
C THR E 152 -2.06 15.22 15.56
N ARG E 153 -1.12 15.11 14.62
CA ARG E 153 -0.33 16.26 14.23
C ARG E 153 -1.21 17.37 13.67
N ASN E 154 -2.17 17.01 12.82
CA ASN E 154 -3.10 18.00 12.30
C ASN E 154 -4.01 18.55 13.39
N TYR E 155 -4.33 17.74 14.41
CA TYR E 155 -5.12 18.26 15.53
C TYR E 155 -4.35 19.32 16.30
N ILE E 156 -3.06 19.06 16.57
CA ILE E 156 -2.24 20.05 17.26
C ILE E 156 -2.08 21.30 16.39
N HIS E 157 -1.94 21.11 15.07
CA HIS E 157 -1.87 22.25 14.17
C HIS E 157 -3.15 23.07 14.21
N LEU E 158 -4.30 22.41 14.25
CA LEU E 158 -5.58 23.12 14.32
C LEU E 158 -5.70 23.88 15.63
N ASN E 159 -5.23 23.29 16.73
CA ASN E 159 -5.26 23.99 18.01
C ASN E 159 -4.36 25.22 17.98
N LEU E 160 -3.17 25.09 17.39
CA LEU E 160 -2.29 26.24 17.24
C LEU E 160 -2.93 27.32 16.37
N PHE E 161 -3.61 26.91 15.30
CA PHE E 161 -4.30 27.87 14.43
C PHE E 161 -5.38 28.62 15.19
N ALA E 162 -6.15 27.89 16.00
CA ALA E 162 -7.20 28.52 16.81
C ALA E 162 -6.58 29.48 17.81
N SER E 163 -5.43 29.13 18.39
CA SER E 163 -4.76 30.02 19.33
C SER E 163 -4.29 31.30 18.63
N PHE E 164 -3.76 31.18 17.41
CA PHE E 164 -3.36 32.36 16.66
C PHE E 164 -4.56 33.25 16.35
N ILE E 165 -5.67 32.62 15.94
CA ILE E 165 -6.89 33.39 15.67
C ILE E 165 -7.36 34.12 16.91
N LEU E 166 -7.35 33.43 18.06
CA LEU E 166 -7.78 34.04 19.31
C LEU E 166 -6.89 35.21 19.68
N ARG E 167 -5.57 35.05 19.52
CA ARG E 167 -4.65 36.15 19.82
C ARG E 167 -4.90 37.35 18.91
N ALA E 168 -5.10 37.11 17.62
CA ALA E 168 -5.36 38.21 16.69
C ALA E 168 -6.65 38.92 17.04
N LEU E 169 -7.70 38.16 17.36
CA LEU E 169 -8.97 38.77 17.74
C LEU E 169 -8.83 39.57 19.03
N SER E 170 -8.07 39.05 20.00
CA SER E 170 -7.88 39.77 21.25
C SER E 170 -7.14 41.08 21.02
N VAL E 171 -6.12 41.08 20.16
CA VAL E 171 -5.40 42.32 19.89
C VAL E 171 -6.30 43.31 19.15
N PHE E 172 -7.07 42.82 18.18
CA PHE E 172 -8.02 43.70 17.49
C PHE E 172 -9.00 44.34 18.46
N ILE E 173 -9.52 43.55 19.40
CA ILE E 173 -10.45 44.09 20.40
C ILE E 173 -9.74 45.14 21.25
N LYS E 174 -8.58 44.78 21.81
CA LYS E 174 -7.88 45.67 22.72
C LYS E 174 -7.53 46.99 22.05
N ASP E 175 -7.26 46.98 20.75
CA ASP E 175 -6.96 48.23 20.08
C ASP E 175 -8.25 48.98 19.73
N ALA E 176 -9.08 48.38 18.88
CA ALA E 176 -10.21 49.12 18.31
C ALA E 176 -11.25 49.49 19.36
N ALA E 177 -11.69 48.50 20.16
CA ALA E 177 -12.77 48.79 21.11
C ALA E 177 -12.31 49.77 22.18
N LEU E 178 -11.10 49.59 22.69
CA LEU E 178 -10.59 50.51 23.71
C LEU E 178 -10.42 51.92 23.16
N LYS E 179 -9.87 52.04 21.95
CA LYS E 179 -9.70 53.38 21.37
C LYS E 179 -11.06 54.04 21.13
N TRP E 180 -12.03 53.28 20.62
CA TRP E 180 -13.35 53.85 20.34
C TRP E 180 -14.06 54.25 21.62
N MET E 181 -13.96 53.46 22.68
CA MET E 181 -14.64 53.78 23.92
C MET E 181 -13.90 54.82 24.75
N TYR E 182 -12.61 55.05 24.48
CA TYR E 182 -11.87 56.08 25.20
C TYR E 182 -11.92 57.43 24.50
N SER E 183 -11.92 57.44 23.17
CA SER E 183 -11.96 58.70 22.43
C SER E 183 -13.38 59.22 22.30
N THR E 184 -14.27 58.42 21.73
CA THR E 184 -15.66 58.83 21.53
C THR E 184 -16.55 58.31 22.66
N SER E 196 -13.76 56.39 33.91
CA SER E 196 -14.87 55.72 33.25
C SER E 196 -14.52 54.27 32.93
N TYR E 197 -14.01 54.03 31.72
CA TYR E 197 -13.63 52.69 31.32
C TYR E 197 -12.44 52.15 32.10
N GLN E 198 -11.59 53.04 32.64
CA GLN E 198 -10.42 52.59 33.39
C GLN E 198 -10.80 51.91 34.70
N ASP E 199 -12.00 52.15 35.21
CA ASP E 199 -12.46 51.54 36.46
C ASP E 199 -13.83 50.91 36.30
N SER E 200 -14.17 50.47 35.08
CA SER E 200 -15.45 49.87 34.79
C SER E 200 -15.46 48.36 34.96
N LEU E 201 -14.33 47.78 35.40
CA LEU E 201 -14.13 46.35 35.64
C LEU E 201 -14.11 45.53 34.35
N SER E 202 -14.36 46.15 33.20
CA SER E 202 -14.38 45.43 31.94
C SER E 202 -13.01 45.35 31.29
N CYS E 203 -12.26 46.47 31.26
CA CYS E 203 -10.98 46.46 30.56
C CYS E 203 -9.97 45.58 31.28
N ARG E 204 -10.11 45.43 32.59
CA ARG E 204 -9.25 44.51 33.32
C ARG E 204 -9.46 43.08 32.84
N LEU E 205 -10.72 42.67 32.67
CA LEU E 205 -11.01 41.35 32.15
C LEU E 205 -10.53 41.20 30.71
N VAL E 206 -10.69 42.25 29.90
CA VAL E 206 -10.20 42.19 28.53
C VAL E 206 -8.69 41.99 28.50
N PHE E 207 -7.98 42.70 29.36
CA PHE E 207 -6.52 42.57 29.43
C PHE E 207 -6.12 41.19 29.94
N LEU E 208 -6.85 40.63 30.90
CA LEU E 208 -6.56 39.27 31.37
C LEU E 208 -6.77 38.25 30.25
N LEU E 209 -7.84 38.39 29.47
CA LEU E 209 -8.03 37.50 28.33
C LEU E 209 -6.93 37.67 27.30
N MET E 210 -6.48 38.91 27.08
CA MET E 210 -5.35 39.11 26.16
C MET E 210 -4.09 38.41 26.64
N GLN E 211 -3.79 38.54 27.94
CA GLN E 211 -2.62 37.87 28.50
C GLN E 211 -2.75 36.36 28.36
N TYR E 212 -3.94 35.82 28.64
CA TYR E 212 -4.16 34.39 28.50
C TYR E 212 -3.99 33.95 27.05
N CYS E 213 -4.48 34.74 26.10
CA CYS E 213 -4.32 34.38 24.69
C CYS E 213 -2.85 34.37 24.28
N VAL E 214 -2.08 35.37 24.72
CA VAL E 214 -0.66 35.41 24.38
C VAL E 214 0.05 34.21 24.99
N ALA E 215 -0.23 33.89 26.26
CA ALA E 215 0.40 32.74 26.89
C ALA E 215 0.01 31.45 26.20
N ALA E 216 -1.26 31.34 25.78
CA ALA E 216 -1.70 30.15 25.08
C ALA E 216 -0.99 30.00 23.74
N ASN E 217 -0.78 31.10 23.02
CA ASN E 217 -0.05 31.03 21.76
C ASN E 217 1.38 30.56 22.00
N TYR E 218 2.05 31.13 22.99
CA TYR E 218 3.43 30.73 23.26
C TYR E 218 3.50 29.26 23.66
N TYR E 219 2.59 28.81 24.52
CA TYR E 219 2.63 27.42 24.95
C TYR E 219 2.14 26.45 23.89
N TRP E 220 1.37 26.91 22.91
CA TRP E 220 1.04 26.03 21.80
C TRP E 220 2.19 25.90 20.82
N LEU E 221 2.98 26.96 20.64
CA LEU E 221 4.25 26.80 19.95
C LEU E 221 5.14 25.81 20.70
N LEU E 222 5.16 25.91 22.02
CA LEU E 222 5.90 24.95 22.84
C LEU E 222 5.39 23.53 22.63
N VAL E 223 4.07 23.35 22.53
CA VAL E 223 3.50 22.03 22.33
C VAL E 223 3.88 21.49 20.95
N GLU E 224 3.86 22.34 19.92
CA GLU E 224 4.36 21.93 18.62
C GLU E 224 5.79 21.41 18.71
N GLY E 225 6.66 22.17 19.35
CA GLY E 225 8.06 21.75 19.47
C GLY E 225 8.20 20.45 20.25
N VAL E 226 7.47 20.33 21.35
CA VAL E 226 7.58 19.13 22.20
C VAL E 226 7.06 17.90 21.45
N TYR E 227 5.96 18.05 20.70
CA TYR E 227 5.44 16.93 19.93
C TYR E 227 6.42 16.50 18.85
N LEU E 228 7.04 17.47 18.15
CA LEU E 228 8.04 17.11 17.15
C LEU E 228 9.22 16.39 17.77
N TYR E 229 9.70 16.89 18.92
CA TYR E 229 10.81 16.23 19.59
C TYR E 229 10.44 14.84 20.08
N THR E 230 9.21 14.67 20.54
CA THR E 230 8.74 13.36 20.97
C THR E 230 8.71 12.38 19.80
N LEU E 231 8.23 12.85 18.64
CA LEU E 231 8.22 11.99 17.47
C LEU E 231 9.63 11.60 17.05
N LEU E 232 10.56 12.56 17.06
CA LEU E 232 11.90 12.28 16.58
C LEU E 232 12.79 11.57 17.59
N ALA E 233 12.42 11.54 18.87
CA ALA E 233 13.26 10.94 19.90
C ALA E 233 12.58 9.76 20.59
N PHE E 234 11.38 9.96 21.12
CA PHE E 234 10.69 8.89 21.85
C PHE E 234 10.06 7.92 20.87
N SER E 235 10.18 6.63 21.17
CA SER E 235 9.76 5.58 20.24
C SER E 235 8.26 5.62 19.95
N VAL E 236 7.45 5.33 20.97
CA VAL E 236 6.00 5.22 20.80
C VAL E 236 5.32 5.70 22.08
N LEU E 237 4.29 6.52 21.93
CA LEU E 237 3.48 6.98 23.04
C LEU E 237 2.00 6.74 22.73
N SER E 238 1.22 6.51 23.78
CA SER E 238 -0.21 6.30 23.61
C SER E 238 -0.87 7.58 23.08
N GLU E 239 -1.69 7.43 22.04
CA GLU E 239 -2.20 8.60 21.34
C GLU E 239 -3.17 9.40 22.19
N GLN E 240 -4.15 8.74 22.81
CA GLN E 240 -5.21 9.47 23.51
C GLN E 240 -4.68 10.21 24.72
N TRP E 241 -3.92 9.52 25.58
CA TRP E 241 -3.42 10.14 26.81
C TRP E 241 -2.47 11.28 26.49
N ILE E 242 -1.55 11.07 25.54
CA ILE E 242 -0.56 12.10 25.21
C ILE E 242 -1.23 13.28 24.53
N PHE E 243 -2.24 13.04 23.69
CA PHE E 243 -2.98 14.13 23.08
C PHE E 243 -3.72 14.94 24.13
N ARG E 244 -4.34 14.27 25.10
CA ARG E 244 -4.99 14.99 26.19
C ARG E 244 -3.98 15.80 26.99
N LEU E 245 -2.79 15.25 27.21
CA LEU E 245 -1.75 15.99 27.91
C LEU E 245 -1.33 17.23 27.12
N TYR E 246 -1.19 17.11 25.80
CA TYR E 246 -0.84 18.26 24.99
C TYR E 246 -1.94 19.33 25.04
N VAL E 247 -3.20 18.91 24.99
CA VAL E 247 -4.30 19.89 25.07
C VAL E 247 -4.26 20.60 26.41
N SER E 248 -4.06 19.85 27.49
CA SER E 248 -4.00 20.45 28.82
C SER E 248 -2.83 21.42 28.94
N ILE E 249 -1.67 21.05 28.39
CA ILE E 249 -0.51 21.94 28.43
C ILE E 249 -0.78 23.21 27.63
N GLY E 250 -1.36 23.05 26.43
CA GLY E 250 -1.61 24.21 25.58
C GLY E 250 -2.60 25.19 26.17
N TRP E 251 -3.70 24.69 26.71
CA TRP E 251 -4.77 25.57 27.18
C TRP E 251 -4.84 25.72 28.69
N GLY E 252 -4.42 24.73 29.46
CA GLY E 252 -4.56 24.79 30.90
C GLY E 252 -3.39 25.42 31.63
N VAL E 253 -2.17 25.08 31.21
CA VAL E 253 -0.98 25.63 31.89
C VAL E 253 -0.96 27.15 31.88
N PRO E 254 -1.30 27.84 30.78
CA PRO E 254 -1.29 29.32 30.83
C PRO E 254 -2.13 29.90 31.97
N LEU E 255 -3.26 29.29 32.30
CA LEU E 255 -4.08 29.78 33.39
C LEU E 255 -3.33 29.76 34.71
N LEU E 256 -2.49 28.74 34.91
CA LEU E 256 -1.81 28.55 36.19
C LEU E 256 -0.90 29.72 36.56
N PHE E 257 -0.50 30.53 35.59
CA PHE E 257 0.23 31.75 35.89
C PHE E 257 -0.47 33.01 35.43
N VAL E 258 -1.57 32.90 34.68
CA VAL E 258 -2.36 34.09 34.35
C VAL E 258 -3.25 34.48 35.53
N VAL E 259 -3.96 33.51 36.11
CA VAL E 259 -4.86 33.81 37.22
C VAL E 259 -4.10 34.35 38.43
N PRO E 260 -3.00 33.75 38.88
CA PRO E 260 -2.25 34.38 39.99
C PRO E 260 -1.78 35.78 39.68
N TRP E 261 -1.42 36.06 38.43
CA TRP E 261 -1.07 37.42 38.06
C TRP E 261 -2.24 38.38 38.27
N GLY E 262 -3.43 37.97 37.86
CA GLY E 262 -4.59 38.81 38.07
C GLY E 262 -4.90 39.03 39.54
N ILE E 263 -4.82 37.97 40.35
CA ILE E 263 -5.16 38.13 41.76
C ILE E 263 -4.12 38.98 42.48
N VAL E 264 -2.84 38.83 42.13
CA VAL E 264 -1.82 39.64 42.78
C VAL E 264 -1.92 41.10 42.33
N LYS E 265 -2.28 41.32 41.06
CA LYS E 265 -2.50 42.68 40.59
C LYS E 265 -3.67 43.33 41.32
N TYR E 266 -4.73 42.57 41.55
CA TYR E 266 -5.87 43.11 42.29
C TYR E 266 -5.51 43.40 43.74
N LEU E 267 -4.80 42.48 44.39
CA LEU E 267 -4.55 42.61 45.82
C LEU E 267 -3.52 43.69 46.12
N TYR E 268 -2.41 43.70 45.37
CA TYR E 268 -1.25 44.53 45.71
C TYR E 268 -1.00 45.67 44.73
N GLU E 269 -1.99 46.01 43.91
CA GLU E 269 -1.82 47.10 42.96
C GLU E 269 -3.17 47.77 42.72
N ASP E 270 -3.12 49.06 42.38
CA ASP E 270 -4.33 49.80 42.08
C ASP E 270 -4.95 49.29 40.78
N GLU E 271 -6.11 49.87 40.43
CA GLU E 271 -6.82 49.37 39.26
C GLU E 271 -6.21 49.90 37.97
N GLY E 272 -6.26 51.22 37.76
CA GLY E 272 -5.68 51.87 36.59
C GLY E 272 -5.88 51.14 35.28
N CYS E 273 -6.98 50.42 35.13
CA CYS E 273 -7.28 49.56 33.98
C CYS E 273 -6.24 48.46 33.79
N TRP E 274 -5.35 48.26 34.76
CA TRP E 274 -4.32 47.22 34.74
C TRP E 274 -3.49 47.29 33.45
N THR E 275 -2.88 48.45 33.24
CA THR E 275 -2.02 48.68 32.09
C THR E 275 -0.58 48.96 32.49
N ARG E 276 -0.34 49.90 33.38
CA ARG E 276 1.02 50.25 33.79
C ARG E 276 1.60 49.16 34.67
N ASN E 277 2.84 48.79 34.40
CA ASN E 277 3.56 47.80 35.20
C ASN E 277 4.48 48.55 36.15
N SER E 278 3.93 48.96 37.31
CA SER E 278 4.69 49.74 38.27
C SER E 278 5.87 48.94 38.82
N ASN E 279 5.58 47.83 39.49
CA ASN E 279 6.61 46.99 40.09
C ASN E 279 6.93 45.83 39.15
N MET E 280 8.23 45.62 38.90
CA MET E 280 8.65 44.53 38.03
C MET E 280 8.41 43.17 38.68
N ASN E 281 8.38 43.12 40.02
CA ASN E 281 8.16 41.85 40.70
C ASN E 281 6.81 41.26 40.38
N TYR E 282 5.78 42.09 40.26
CA TYR E 282 4.44 41.61 39.94
C TYR E 282 4.27 41.30 38.46
N TRP E 283 5.27 41.59 37.62
CA TRP E 283 5.18 41.31 36.20
C TRP E 283 6.02 40.13 35.75
N LEU E 284 7.02 39.72 36.55
CA LEU E 284 7.86 38.59 36.15
C LEU E 284 7.09 37.28 36.13
N ILE E 285 6.05 37.15 36.96
CA ILE E 285 5.28 35.92 37.02
C ILE E 285 4.44 35.67 35.77
N ILE E 286 4.32 36.68 34.91
CA ILE E 286 3.67 36.50 33.60
C ILE E 286 4.68 36.46 32.47
N ARG E 287 5.94 36.80 32.71
CA ARG E 287 6.97 36.78 31.69
C ARG E 287 7.92 35.60 31.82
N LEU E 288 8.18 35.13 33.04
CA LEU E 288 9.08 33.99 33.23
C LEU E 288 8.59 32.71 32.54
N PRO E 289 7.32 32.31 32.66
CA PRO E 289 6.87 31.14 31.90
C PRO E 289 6.99 31.32 30.40
N ILE E 290 6.75 32.53 29.89
CA ILE E 290 6.93 32.78 28.46
C ILE E 290 8.38 32.58 28.06
N LEU E 291 9.30 33.11 28.86
CA LEU E 291 10.73 32.92 28.56
C LEU E 291 11.11 31.46 28.63
N PHE E 292 10.56 30.71 29.59
CA PHE E 292 10.84 29.28 29.68
C PHE E 292 10.35 28.55 28.44
N ALA E 293 9.14 28.86 27.99
CA ALA E 293 8.61 28.22 26.78
C ALA E 293 9.47 28.56 25.56
N ILE E 294 9.89 29.82 25.44
CA ILE E 294 10.73 30.22 24.32
C ILE E 294 12.07 29.50 24.35
N GLY E 295 12.66 29.36 25.54
CA GLY E 295 13.92 28.66 25.66
C GLY E 295 13.81 27.19 25.31
N VAL E 296 12.74 26.53 25.77
CA VAL E 296 12.55 25.12 25.44
C VAL E 296 12.32 24.96 23.94
N ASN E 297 11.58 25.89 23.33
CA ASN E 297 11.40 25.84 21.88
C ASN E 297 12.73 26.02 21.16
N PHE E 298 13.59 26.90 21.65
CA PHE E 298 14.91 27.07 21.03
C PHE E 298 15.74 25.80 21.14
N LEU E 299 15.72 25.15 22.30
CA LEU E 299 16.48 23.91 22.46
C LEU E 299 15.95 22.83 21.53
N ILE E 300 14.62 22.72 21.43
CA ILE E 300 14.03 21.73 20.52
C ILE E 300 14.41 22.05 19.08
N PHE E 301 14.42 23.33 18.72
CA PHE E 301 14.83 23.73 17.38
C PHE E 301 16.26 23.32 17.09
N VAL E 302 17.16 23.54 18.06
CA VAL E 302 18.55 23.15 17.89
C VAL E 302 18.67 21.64 17.70
N ARG E 303 17.96 20.87 18.54
CA ARG E 303 18.03 19.42 18.44
C ARG E 303 17.50 18.91 17.11
N VAL E 304 16.38 19.48 16.64
CA VAL E 304 15.80 19.05 15.38
C VAL E 304 16.71 19.42 14.21
N ILE E 305 17.34 20.59 14.27
CA ILE E 305 18.28 20.98 13.21
C ILE E 305 19.48 20.03 13.19
N CYS E 306 19.98 19.65 14.38
CA CYS E 306 21.07 18.70 14.44
C CYS E 306 20.65 17.35 13.85
N ILE E 307 19.43 16.91 14.14
CA ILE E 307 18.94 15.65 13.59
C ILE E 307 18.85 15.73 12.08
N VAL E 308 18.34 16.84 11.55
CA VAL E 308 18.22 17.00 10.11
C VAL E 308 19.61 17.00 9.45
N VAL E 309 20.57 17.67 10.08
CA VAL E 309 21.93 17.68 9.55
C VAL E 309 22.51 16.28 9.53
N SER E 310 22.30 15.52 10.60
CA SER E 310 22.79 14.15 10.65
C SER E 310 22.14 13.29 9.56
N LYS E 311 20.85 13.48 9.33
CA LYS E 311 20.16 12.75 8.28
C LYS E 311 20.62 13.16 6.89
N LEU E 312 21.08 14.38 6.68
CA LEU E 312 21.43 14.79 5.33
C LEU E 312 22.87 14.46 5.05
N LYS E 313 23.71 14.52 6.07
CA LYS E 313 25.12 14.21 5.92
C LYS E 313 25.34 12.73 6.06
N ALA E 314 24.56 11.94 5.36
CA ALA E 314 24.70 10.49 5.43
C ALA E 314 23.83 9.90 4.37
N ASN E 315 23.14 10.75 3.62
CA ASN E 315 22.24 10.27 2.59
C ASN E 315 23.02 9.85 1.38
N LEU E 316 22.55 10.24 0.20
CA LEU E 316 23.24 9.89 -1.02
C LEU E 316 24.28 10.93 -1.34
N MET E 317 24.89 11.52 -0.32
CA MET E 317 25.91 12.55 -0.51
C MET E 317 25.34 13.80 -1.16
N CYS E 318 24.21 13.66 -1.83
CA CYS E 318 23.57 14.80 -2.46
C CYS E 318 24.61 15.76 -3.03
N LYS E 319 24.67 16.98 -2.50
CA LYS E 319 25.61 17.97 -3.01
C LYS E 319 25.60 19.20 -2.13
N THR E 320 25.86 20.37 -2.72
CA THR E 320 25.79 21.59 -1.95
C THR E 320 24.37 21.78 -1.50
N ASP E 321 23.45 21.07 -2.12
CA ASP E 321 22.06 21.14 -1.69
C ASP E 321 22.03 20.93 -0.20
N ILE E 322 22.96 20.14 0.32
CA ILE E 322 23.02 19.94 1.76
C ILE E 322 22.91 21.30 2.43
N LYS E 323 23.30 22.36 1.74
CA LYS E 323 23.14 23.68 2.28
C LYS E 323 21.75 24.16 1.94
N CYS E 324 21.45 24.28 0.65
CA CYS E 324 20.15 24.82 0.29
C CYS E 324 19.03 24.08 1.00
N ARG E 325 19.11 22.75 1.07
CA ARG E 325 18.09 21.98 1.76
C ARG E 325 18.05 22.31 3.24
N LEU E 326 19.22 22.44 3.87
CA LEU E 326 19.26 22.80 5.29
C LEU E 326 18.69 24.19 5.52
N ALA E 327 19.01 25.14 4.64
CA ALA E 327 18.45 26.48 4.77
C ALA E 327 16.94 26.48 4.62
N LYS E 328 16.42 25.72 3.65
CA LYS E 328 14.98 25.62 3.47
C LYS E 328 14.31 25.00 4.70
N SER E 329 14.92 23.94 5.25
CA SER E 329 14.35 23.31 6.44
C SER E 329 14.34 24.27 7.62
N THR E 330 15.44 25.02 7.81
CA THR E 330 15.49 25.99 8.90
C THR E 330 14.44 27.08 8.73
N LEU E 331 14.29 27.59 7.50
CA LEU E 331 13.30 28.64 7.26
C LEU E 331 11.89 28.11 7.47
N THR E 332 11.64 26.85 7.11
CA THR E 332 10.33 26.27 7.36
C THR E 332 10.07 26.10 8.85
N LEU E 333 11.10 25.69 9.60
CA LEU E 333 10.92 25.45 11.03
C LEU E 333 10.88 26.72 11.86
N ILE E 334 11.40 27.84 11.34
CA ILE E 334 11.45 29.07 12.13
C ILE E 334 10.06 29.53 12.60
N PRO E 335 9.05 29.65 11.74
CA PRO E 335 7.77 30.18 12.23
C PRO E 335 6.98 29.19 13.06
N LEU E 336 7.11 27.89 12.80
CA LEU E 336 6.34 26.91 13.55
C LEU E 336 6.73 26.89 15.03
N LEU E 337 8.02 26.99 15.31
CA LEU E 337 8.50 26.94 16.69
C LEU E 337 8.64 28.31 17.33
N GLY E 338 8.42 29.39 16.58
CA GLY E 338 8.52 30.73 17.13
C GLY E 338 9.91 31.06 17.64
N THR E 339 10.93 30.75 16.84
CA THR E 339 12.31 30.87 17.26
C THR E 339 12.85 32.30 17.13
N HIS E 340 12.15 33.18 16.42
CA HIS E 340 12.68 34.51 16.13
C HIS E 340 12.91 35.33 17.39
N GLU E 341 12.20 35.03 18.49
CA GLU E 341 12.44 35.74 19.74
C GLU E 341 13.87 35.51 20.23
N VAL E 342 14.35 34.27 20.19
CA VAL E 342 15.74 34.02 20.52
C VAL E 342 16.66 34.64 19.49
N ILE E 343 16.24 34.64 18.22
CA ILE E 343 17.12 35.05 17.14
C ILE E 343 17.46 36.54 17.24
N PHE E 344 16.44 37.40 17.25
CA PHE E 344 16.75 38.83 17.16
C PHE E 344 15.85 39.71 18.02
N ALA E 345 15.41 39.22 19.18
CA ALA E 345 14.54 40.02 20.04
C ALA E 345 15.24 40.52 21.30
N PHE E 346 15.78 39.62 22.12
CA PHE E 346 16.32 40.05 23.41
C PHE E 346 17.63 39.37 23.80
N VAL E 347 18.28 38.64 22.88
CA VAL E 347 19.50 37.92 23.25
C VAL E 347 20.66 38.35 22.37
N MET E 348 20.46 38.32 21.05
CA MET E 348 21.52 38.56 20.09
C MET E 348 21.77 40.07 20.02
N ASP E 349 22.74 40.48 19.19
CA ASP E 349 23.22 41.86 19.16
C ASP E 349 22.14 42.86 18.79
N GLU E 350 21.05 42.40 18.20
CA GLU E 350 19.93 43.28 17.89
C GLU E 350 19.41 43.95 19.15
N HIS E 351 19.61 45.26 19.24
CA HIS E 351 19.28 46.04 20.42
C HIS E 351 18.67 47.37 20.01
N ALA E 352 18.59 48.30 20.96
CA ALA E 352 17.99 49.60 20.76
C ALA E 352 19.05 50.69 20.76
N ARG E 353 18.89 51.66 19.88
CA ARG E 353 19.82 52.78 19.78
C ARG E 353 19.02 54.01 19.32
N GLY E 354 19.74 55.04 18.87
CA GLY E 354 19.05 56.23 18.38
C GLY E 354 18.18 55.96 17.17
N THR E 355 18.70 55.18 16.22
CA THR E 355 17.95 54.80 15.04
C THR E 355 17.75 53.30 14.89
N LEU E 356 18.58 52.47 15.55
CA LEU E 356 18.39 51.03 15.48
C LEU E 356 17.17 50.56 16.26
N ARG E 357 16.71 51.35 17.23
CA ARG E 357 15.50 50.98 17.97
C ARG E 357 14.29 50.93 17.06
N PHE E 358 14.18 51.90 16.15
CA PHE E 358 13.07 51.91 15.20
C PHE E 358 13.08 50.66 14.32
N ILE E 359 14.25 50.30 13.80
CA ILE E 359 14.35 49.12 12.94
C ILE E 359 14.03 47.86 13.73
N LYS E 360 14.54 47.75 14.96
CA LYS E 360 14.25 46.58 15.77
C LYS E 360 12.75 46.46 16.06
N LEU E 361 12.12 47.56 16.45
CA LEU E 361 10.68 47.53 16.71
C LEU E 361 9.92 47.17 15.45
N PHE E 362 10.32 47.72 14.30
CA PHE E 362 9.62 47.44 13.05
C PHE E 362 9.72 45.96 12.69
N THR E 363 10.91 45.39 12.79
CA THR E 363 11.06 43.98 12.42
C THR E 363 10.35 43.07 13.40
N GLU E 364 10.38 43.40 14.70
CA GLU E 364 9.64 42.60 15.67
C GLU E 364 8.14 42.63 15.38
N LEU E 365 7.59 43.82 15.18
CA LEU E 365 6.15 43.94 14.94
C LEU E 365 5.75 43.24 13.64
N SER E 366 6.54 43.43 12.58
CA SER E 366 6.21 42.80 11.31
C SER E 366 6.27 41.28 11.40
N PHE E 367 7.31 40.74 12.03
CA PHE E 367 7.43 39.30 12.11
C PHE E 367 6.35 38.70 13.01
N THR E 368 6.03 39.36 14.12
CA THR E 368 4.96 38.87 14.97
C THR E 368 3.62 38.90 14.25
N SER E 369 3.38 39.93 13.44
CA SER E 369 2.12 40.01 12.71
C SER E 369 2.04 38.95 11.61
N PHE E 370 3.15 38.69 10.93
CA PHE E 370 3.15 37.77 9.79
C PHE E 370 3.46 36.34 10.17
N GLN E 371 3.73 36.05 11.45
CA GLN E 371 4.01 34.68 11.85
C GLN E 371 2.84 33.76 11.56
N GLY E 372 1.63 34.21 11.87
CA GLY E 372 0.46 33.39 11.57
C GLY E 372 0.30 33.11 10.09
N LEU E 373 0.48 34.13 9.25
CA LEU E 373 0.37 33.95 7.81
C LEU E 373 1.42 32.97 7.31
N MET E 374 2.67 33.12 7.78
CA MET E 374 3.73 32.21 7.35
C MET E 374 3.44 30.78 7.78
N VAL E 375 2.96 30.59 9.02
CA VAL E 375 2.66 29.24 9.50
C VAL E 375 1.54 28.63 8.66
N ALA E 376 0.48 29.39 8.40
CA ALA E 376 -0.63 28.88 7.62
C ALA E 376 -0.20 28.51 6.21
N ILE E 377 0.59 29.37 5.57
CA ILE E 377 1.06 29.08 4.22
C ILE E 377 1.95 27.84 4.22
N LEU E 378 2.86 27.73 5.19
CA LEU E 378 3.84 26.67 5.16
C LEU E 378 3.24 25.32 5.53
N TYR E 379 2.20 25.29 6.34
CA TYR E 379 1.66 24.03 6.83
C TYR E 379 0.24 23.73 6.38
N CYS E 380 -0.36 24.56 5.54
CA CYS E 380 -1.66 24.21 4.99
C CYS E 380 -1.73 24.34 3.48
N PHE E 381 -1.09 25.35 2.89
CA PHE E 381 -1.19 25.58 1.46
C PHE E 381 0.01 25.06 0.68
N VAL E 382 1.13 24.80 1.35
CA VAL E 382 2.31 24.25 0.68
C VAL E 382 2.45 22.75 0.92
N ASN E 383 1.87 22.22 1.99
CA ASN E 383 1.99 20.80 2.30
C ASN E 383 1.50 19.95 1.14
N ASN E 384 2.29 18.94 0.78
CA ASN E 384 1.97 18.12 -0.39
C ASN E 384 0.69 17.33 -0.18
N GLU E 385 0.39 16.95 1.07
CA GLU E 385 -0.83 16.19 1.34
C GLU E 385 -2.07 17.01 1.00
N VAL E 386 -2.08 18.28 1.37
CA VAL E 386 -3.25 19.12 1.10
C VAL E 386 -3.43 19.33 -0.39
N GLN E 387 -2.34 19.60 -1.11
CA GLN E 387 -2.43 19.78 -2.55
C GLN E 387 -2.89 18.50 -3.24
N LEU E 388 -2.38 17.35 -2.79
CA LEU E 388 -2.81 16.07 -3.37
C LEU E 388 -4.28 15.83 -3.11
N GLU E 389 -4.77 16.15 -1.91
CA GLU E 389 -6.18 15.98 -1.62
C GLU E 389 -7.03 16.91 -2.47
N PHE E 390 -6.56 18.14 -2.67
CA PHE E 390 -7.28 19.07 -3.54
C PHE E 390 -7.35 18.55 -4.97
N ARG E 391 -6.24 18.00 -5.48
CA ARG E 391 -6.24 17.43 -6.81
C ARG E 391 -7.20 16.24 -6.90
N LYS E 392 -7.22 15.39 -5.87
CA LYS E 392 -8.15 14.27 -5.86
C LYS E 392 -9.60 14.75 -5.86
N SER E 393 -9.91 15.78 -5.07
CA SER E 393 -11.27 16.32 -5.05
C SER E 393 -11.64 16.92 -6.39
N TRP E 394 -10.70 17.61 -7.03
CA TRP E 394 -10.97 18.18 -8.35
C TRP E 394 -11.23 17.09 -9.38
N GLU E 395 -10.44 16.01 -9.33
CA GLU E 395 -10.66 14.90 -10.25
C GLU E 395 -12.00 14.22 -9.99
N ARG E 396 -12.38 14.09 -8.72
CA ARG E 396 -13.69 13.52 -8.42
C ARG E 396 -14.81 14.41 -8.93
N TRP E 397 -14.66 15.73 -8.79
CA TRP E 397 -15.67 16.65 -9.33
C TRP E 397 -15.75 16.55 -10.84
N ARG E 398 -14.60 16.41 -11.51
CA ARG E 398 -14.61 16.20 -12.96
C ARG E 398 -15.31 14.90 -13.32
N LEU E 399 -15.06 13.84 -12.56
CA LEU E 399 -15.68 12.55 -12.85
C LEU E 399 -17.19 12.60 -12.69
N GLU E 400 -17.67 13.23 -11.60
CA GLU E 400 -19.11 13.29 -11.40
C GLU E 400 -19.77 14.27 -12.37
N HIS E 401 -19.05 15.29 -12.81
CA HIS E 401 -19.57 16.23 -13.80
C HIS E 401 -18.83 16.07 -15.12
#